data_8WDT
#
_entry.id   8WDT
#
_cell.length_a   372.640
_cell.length_b   52.520
_cell.length_c   63.400
_cell.angle_alpha   90.00
_cell.angle_beta   94.79
_cell.angle_gamma   90.00
#
_symmetry.space_group_name_H-M   'C 1 2 1'
#
loop_
_entity.id
_entity.type
_entity.pdbx_description
1 polymer 'Adenosine receptor A2a'
2 polymer 'Antibody Fab fragment light chain'
3 polymer 'Antibody Fab fragment heavy chain'
4 non-polymer (2S,3S,4R,5R)-5-(6-amino-2-((E)-phenyldiazenyl)-9H-purin-9-yl)-N-ethyl-3,4-dihydroxytetrahydrofuran-2-carboxamide
#
loop_
_entity_poly.entity_id
_entity_poly.type
_entity_poly.pdbx_seq_one_letter_code
_entity_poly.pdbx_strand_id
1 'polypeptide(L)'
;MKTIIALSYIFCLVFADYKDDDDGAPPIMGSSVYITVELAIAVLAILGNVLVCWAVWLNSNLQNVTNYFVVSLAAADIAV
GVLAIPFAITISTGFCAACHGCLAIACFVLVLTQSSIFSLLAIAIDRYIAIRIPLRYNGLVTGTRAKGIIAICWVLSFAI
GLTPMLGWNNCGQPKEGKQHSQGCGEGQVACLFEDVVPMNYMVYFNFFLCVLVPLLLMLGVYLAIFLAARRQAKQMESQP
LPGERARSTLQKEVHAAKSLAIIVGLFALCWLPLHIINCFTFFCPDCSHAPLWLMYAAIVLSHTNSVVNPFIYAYRIREF
RQTFRKIIRSHVLRQQEPFKAHHHHHHHHHH
;
A
2 'polypeptide(L)'
;DIVMTQSPAIMSASPGEKVTITCSASSSVTYMHWFQQKPGTSPKLWIYSTSNLASGVPARFSGSGSGTSYSLTISRMEAE
DAATYYCQQRSTYPLTFGAGTKLELRRADAAPTVSIFPPSSEQLTSGGASVVCFLNNFYPKDINVKWKIDGSERQNGVLN
SWTDQDSKDSTYSMSSTLTLTKDEYERHNSYTCEATHKTSTSPIVKSFNRNEC
;
B
3 'polypeptide(L)'
;EVQLQQSGPELVKPGASVKISCKTSGYTFTEFTMHWVKQSHGKSLEWIGGIDPHNGDTSYNQKFKGKATLTVDKSSSTAY
MDLRSLTSEDSAVYYCTRDYYDYHYWYFDVWGAGTTVTVSSAKTTAPSVYPLAPVCGDTTGSSVTLGCLVKGYFPEPVTL
TWNSGSLSSGVHTFPAVLQSDLYTLSSSVTVTSSTWPSQSITCNVAHPASSTKVDKKIEPRGPT
;
C
#
loop_
_chem_comp.id
_chem_comp.type
_chem_comp.name
_chem_comp.formula
WCH non-polymer (2S,3S,4R,5R)-5-(6-amino-2-((E)-phenyldiazenyl)-9H-purin-9-yl)-N-ethyl-3,4-dihydroxytetrahydrofuran-2-carboxamide 'C18 H20 N8 O4'
#
# COMPACT_ATOMS: atom_id res chain seq x y z
N ILE A 28 -23.07 31.28 59.53
CA ILE A 28 -23.64 31.81 58.31
C ILE A 28 -22.59 31.85 57.22
N MET A 29 -21.33 32.04 57.64
CA MET A 29 -20.23 32.17 56.67
C MET A 29 -20.07 30.89 55.85
N GLY A 30 -20.08 29.73 56.51
CA GLY A 30 -19.96 28.48 55.79
C GLY A 30 -21.12 28.22 54.86
N SER A 31 -22.34 28.46 55.33
CA SER A 31 -23.51 28.29 54.47
C SER A 31 -23.47 29.25 53.30
N SER A 32 -23.08 30.51 53.54
CA SER A 32 -23.01 31.50 52.47
C SER A 32 -21.99 31.10 51.41
N VAL A 33 -20.80 30.66 51.84
CA VAL A 33 -19.78 30.30 50.86
C VAL A 33 -20.17 29.04 50.12
N TYR A 34 -20.81 28.08 50.80
CA TYR A 34 -21.28 26.88 50.12
C TYR A 34 -22.33 27.22 49.07
N ILE A 35 -23.29 28.08 49.41
CA ILE A 35 -24.31 28.46 48.44
C ILE A 35 -23.70 29.22 47.27
N THR A 36 -22.73 30.10 47.55
CA THR A 36 -22.07 30.84 46.48
C THR A 36 -21.35 29.89 45.53
N VAL A 37 -20.62 28.91 46.06
CA VAL A 37 -19.91 27.95 45.22
C VAL A 37 -20.90 27.13 44.40
N GLU A 38 -21.99 26.68 45.03
CA GLU A 38 -22.97 25.87 44.31
C GLU A 38 -23.61 26.67 43.18
N LEU A 39 -23.99 27.92 43.44
CA LEU A 39 -24.62 28.74 42.41
C LEU A 39 -23.64 29.09 41.30
N ALA A 40 -22.37 29.33 41.63
CA ALA A 40 -21.37 29.57 40.61
C ALA A 40 -21.20 28.34 39.71
N ILE A 41 -21.16 27.15 40.32
CA ILE A 41 -21.07 25.92 39.54
C ILE A 41 -22.29 25.77 38.63
N ALA A 42 -23.47 26.06 39.16
CA ALA A 42 -24.69 25.95 38.36
C ALA A 42 -24.65 26.90 37.16
N VAL A 43 -24.23 28.15 37.39
CA VAL A 43 -24.19 29.13 36.31
C VAL A 43 -23.15 28.72 35.26
N LEU A 44 -21.99 28.25 35.70
CA LEU A 44 -20.96 27.83 34.76
C LEU A 44 -21.44 26.64 33.93
N ALA A 45 -22.10 25.67 34.57
CA ALA A 45 -22.63 24.52 33.84
C ALA A 45 -23.66 24.96 32.81
N ILE A 46 -24.57 25.85 33.21
CA ILE A 46 -25.59 26.36 32.29
C ILE A 46 -24.93 27.00 31.09
N LEU A 47 -23.98 27.91 31.33
CA LEU A 47 -23.37 28.64 30.23
C LEU A 47 -22.62 27.70 29.30
N GLY A 48 -21.78 26.82 29.85
CA GLY A 48 -20.99 25.94 29.00
C GLY A 48 -21.86 25.00 28.17
N ASN A 49 -22.89 24.41 28.79
CA ASN A 49 -23.69 23.43 28.08
C ASN A 49 -24.61 24.09 27.06
N VAL A 50 -25.15 25.27 27.36
CA VAL A 50 -25.92 25.96 26.33
C VAL A 50 -25.02 26.40 25.20
N LEU A 51 -23.76 26.75 25.49
CA LEU A 51 -22.83 27.08 24.41
C LEU A 51 -22.57 25.86 23.52
N VAL A 52 -22.40 24.69 24.12
CA VAL A 52 -22.18 23.46 23.33
C VAL A 52 -23.40 23.18 22.46
N CYS A 53 -24.60 23.29 23.05
CA CYS A 53 -25.82 23.02 22.30
C CYS A 53 -25.99 24.02 21.15
N TRP A 54 -25.69 25.30 21.40
CA TRP A 54 -25.77 26.32 20.37
C TRP A 54 -24.80 26.02 19.22
N ALA A 55 -23.57 25.61 19.57
CA ALA A 55 -22.58 25.31 18.54
C ALA A 55 -23.01 24.13 17.69
N VAL A 56 -23.57 23.09 18.32
CA VAL A 56 -24.02 21.93 17.55
C VAL A 56 -25.22 22.30 16.68
N TRP A 57 -26.12 23.13 17.20
CA TRP A 57 -27.30 23.54 16.43
C TRP A 57 -26.90 24.37 15.21
N LEU A 58 -25.90 25.25 15.36
CA LEU A 58 -25.50 26.12 14.26
C LEU A 58 -24.82 25.32 13.15
N ASN A 59 -23.70 24.69 13.45
CA ASN A 59 -22.86 24.10 12.43
C ASN A 59 -23.45 22.78 11.94
N SER A 60 -23.62 22.66 10.61
CA SER A 60 -24.07 21.41 10.03
C SER A 60 -22.97 20.35 10.07
N ASN A 61 -21.71 20.77 9.99
CA ASN A 61 -20.60 19.84 10.08
C ASN A 61 -20.41 19.30 11.50
N LEU A 62 -21.14 19.83 12.48
CA LEU A 62 -21.12 19.33 13.84
C LEU A 62 -22.30 18.41 14.16
N GLN A 63 -23.15 18.12 13.18
CA GLN A 63 -24.39 17.38 13.42
C GLN A 63 -24.16 15.90 13.07
N ASN A 64 -23.96 15.09 14.11
CA ASN A 64 -23.84 13.65 13.95
C ASN A 64 -24.21 13.00 15.28
N VAL A 65 -24.07 11.67 15.33
CA VAL A 65 -24.54 10.91 16.49
C VAL A 65 -23.71 11.24 17.73
N THR A 66 -22.39 11.33 17.59
CA THR A 66 -21.54 11.62 18.74
C THR A 66 -21.89 12.97 19.34
N ASN A 67 -22.06 13.98 18.47
CA ASN A 67 -22.47 15.30 18.97
C ASN A 67 -23.89 15.28 19.49
N TYR A 68 -24.74 14.39 18.99
CA TYR A 68 -26.07 14.25 19.57
C TYR A 68 -25.98 13.76 21.01
N PHE A 69 -25.12 12.77 21.28
CA PHE A 69 -24.92 12.31 22.65
C PHE A 69 -24.32 13.41 23.51
N VAL A 70 -23.38 14.18 22.95
CA VAL A 70 -22.80 15.30 23.67
C VAL A 70 -23.87 16.33 24.02
N VAL A 71 -24.78 16.61 23.09
CA VAL A 71 -25.86 17.56 23.35
C VAL A 71 -26.82 17.03 24.41
N SER A 72 -27.10 15.72 24.38
CA SER A 72 -27.95 15.14 25.42
C SER A 72 -27.31 15.27 26.79
N LEU A 73 -26.01 15.00 26.87
CA LEU A 73 -25.28 15.18 28.14
C LEU A 73 -25.30 16.65 28.57
N ALA A 74 -25.14 17.56 27.61
CA ALA A 74 -25.15 18.99 27.93
C ALA A 74 -26.51 19.42 28.46
N ALA A 75 -27.59 18.90 27.86
CA ALA A 75 -28.93 19.21 28.36
C ALA A 75 -29.14 18.63 29.75
N ALA A 76 -28.64 17.43 30.00
CA ALA A 76 -28.72 16.86 31.35
C ALA A 76 -27.97 17.73 32.35
N ASP A 77 -26.80 18.23 31.97
CA ASP A 77 -26.04 19.10 32.86
C ASP A 77 -26.74 20.45 33.05
N ILE A 78 -27.43 20.95 32.03
CA ILE A 78 -28.24 22.15 32.18
C ILE A 78 -29.34 21.90 33.21
N ALA A 79 -30.00 20.75 33.13
CA ALA A 79 -31.01 20.41 34.11
C ALA A 79 -30.41 20.32 35.51
N VAL A 80 -29.21 19.75 35.61
CA VAL A 80 -28.53 19.64 36.91
C VAL A 80 -28.27 21.03 37.49
N GLY A 81 -27.77 21.94 36.65
CA GLY A 81 -27.49 23.29 37.12
C GLY A 81 -28.73 24.06 37.50
N VAL A 82 -29.79 23.95 36.68
CA VAL A 82 -31.02 24.68 36.92
C VAL A 82 -31.81 24.09 38.08
N LEU A 83 -31.87 22.76 38.17
CA LEU A 83 -32.72 22.09 39.14
C LEU A 83 -31.94 21.37 40.24
N ALA A 84 -31.01 20.49 39.88
CA ALA A 84 -30.37 19.64 40.88
C ALA A 84 -29.59 20.46 41.90
N ILE A 85 -28.85 21.46 41.46
CA ILE A 85 -28.01 22.24 42.36
C ILE A 85 -28.85 23.09 43.31
N PRO A 86 -29.84 23.87 42.83
CA PRO A 86 -30.71 24.59 43.78
C PRO A 86 -31.48 23.66 44.69
N PHE A 87 -31.89 22.49 44.21
CA PHE A 87 -32.56 21.53 45.07
C PHE A 87 -31.63 21.01 46.17
N ALA A 88 -30.38 20.72 45.81
CA ALA A 88 -29.42 20.29 46.81
C ALA A 88 -29.15 21.39 47.83
N ILE A 89 -29.13 22.65 47.37
CA ILE A 89 -29.04 23.78 48.30
C ILE A 89 -30.25 23.79 49.23
N THR A 90 -31.42 23.45 48.70
CA THR A 90 -32.64 23.43 49.52
C THR A 90 -32.53 22.38 50.62
N ILE A 91 -31.91 21.23 50.32
CA ILE A 91 -31.72 20.18 51.33
C ILE A 91 -30.53 20.48 52.24
N SER A 92 -29.86 21.62 52.06
CA SER A 92 -28.80 22.03 52.98
C SER A 92 -29.31 22.90 54.10
N THR A 93 -30.61 23.20 54.14
CA THR A 93 -31.16 24.09 55.15
C THR A 93 -31.41 23.37 56.47
N GLY A 94 -32.26 22.34 56.44
CA GLY A 94 -32.66 21.66 57.64
C GLY A 94 -33.91 22.19 58.30
N PHE A 95 -34.61 23.13 57.66
CA PHE A 95 -35.84 23.64 58.23
C PHE A 95 -36.90 22.55 58.27
N CYS A 96 -37.79 22.65 59.25
CA CYS A 96 -38.80 21.63 59.46
C CYS A 96 -39.72 21.53 58.26
N ALA A 97 -39.73 20.37 57.61
CA ALA A 97 -40.57 20.18 56.43
C ALA A 97 -40.98 18.72 56.34
N ALA A 98 -42.03 18.48 55.55
CA ALA A 98 -42.56 17.13 55.39
C ALA A 98 -41.49 16.18 54.86
N CYS A 99 -41.48 14.96 55.38
CA CYS A 99 -40.44 14.00 55.01
C CYS A 99 -40.48 13.66 53.52
N HIS A 100 -41.68 13.42 52.99
CA HIS A 100 -41.78 12.91 51.63
C HIS A 100 -41.44 13.96 50.59
N GLY A 101 -41.73 15.23 50.85
CA GLY A 101 -41.33 16.27 49.92
C GLY A 101 -39.82 16.36 49.77
N CYS A 102 -39.10 16.31 50.88
CA CYS A 102 -37.65 16.38 50.81
C CYS A 102 -37.05 15.08 50.29
N LEU A 103 -37.70 13.94 50.55
CA LEU A 103 -37.30 12.70 49.91
C LEU A 103 -37.44 12.82 48.39
N ALA A 104 -38.53 13.43 47.92
CA ALA A 104 -38.73 13.64 46.49
C ALA A 104 -37.68 14.57 45.91
N ILE A 105 -37.32 15.62 46.64
CA ILE A 105 -36.28 16.54 46.16
C ILE A 105 -34.94 15.83 46.05
N ALA A 106 -34.59 15.02 47.06
CA ALA A 106 -33.36 14.25 47.00
C ALA A 106 -33.38 13.27 45.84
N CYS A 107 -34.52 12.61 45.61
CA CYS A 107 -34.64 11.71 44.46
C CYS A 107 -34.51 12.47 43.15
N PHE A 108 -34.98 13.71 43.10
CA PHE A 108 -34.84 14.52 41.89
C PHE A 108 -33.36 14.79 41.59
N VAL A 109 -32.60 15.21 42.61
CA VAL A 109 -31.18 15.47 42.36
C VAL A 109 -30.46 14.18 41.99
N LEU A 110 -30.87 13.06 42.62
CA LEU A 110 -30.30 11.76 42.26
C LEU A 110 -30.57 11.43 40.80
N VAL A 111 -31.81 11.64 40.34
CA VAL A 111 -32.18 11.31 38.97
C VAL A 111 -31.38 12.16 37.99
N LEU A 112 -31.24 13.45 38.28
CA LEU A 112 -30.49 14.32 37.36
C LEU A 112 -29.02 13.90 37.27
N THR A 113 -28.40 13.59 38.41
CA THR A 113 -27.01 13.12 38.39
C THR A 113 -26.91 11.79 37.64
N GLN A 114 -27.89 10.91 37.83
CA GLN A 114 -27.90 9.64 37.10
C GLN A 114 -27.95 9.87 35.60
N SER A 115 -28.79 10.82 35.16
CA SER A 115 -28.90 11.11 33.75
C SER A 115 -27.58 11.62 33.18
N SER A 116 -26.92 12.51 33.93
CA SER A 116 -25.62 13.01 33.47
C SER A 116 -24.60 11.88 33.33
N ILE A 117 -24.51 11.03 34.35
CA ILE A 117 -23.53 9.95 34.33
C ILE A 117 -23.82 8.97 33.20
N PHE A 118 -25.09 8.62 33.01
CA PHE A 118 -25.45 7.68 31.95
C PHE A 118 -25.23 8.27 30.56
N SER A 119 -25.45 9.57 30.39
CA SER A 119 -25.13 10.20 29.10
C SER A 119 -23.63 10.15 28.83
N LEU A 120 -22.82 10.39 29.86
CA LEU A 120 -21.37 10.27 29.69
C LEU A 120 -20.98 8.86 29.29
N LEU A 121 -21.59 7.86 29.95
CA LEU A 121 -21.33 6.46 29.59
C LEU A 121 -21.74 6.18 28.16
N ALA A 122 -22.87 6.76 27.72
CA ALA A 122 -23.31 6.58 26.34
C ALA A 122 -22.30 7.16 25.36
N ILE A 123 -21.73 8.33 25.68
CA ILE A 123 -20.70 8.91 24.81
C ILE A 123 -19.48 8.00 24.75
N ALA A 124 -19.07 7.45 25.89
CA ALA A 124 -17.93 6.54 25.90
C ALA A 124 -18.21 5.30 25.06
N ILE A 125 -19.43 4.76 25.15
CA ILE A 125 -19.79 3.58 24.36
C ILE A 125 -19.81 3.93 22.88
N ASP A 126 -20.30 5.12 22.52
CA ASP A 126 -20.28 5.54 21.13
C ASP A 126 -18.85 5.62 20.61
N ARG A 127 -17.94 6.18 21.40
N ARG A 127 -17.95 6.18 21.41
CA ARG A 127 -16.55 6.25 20.97
CA ARG A 127 -16.55 6.25 20.98
C ARG A 127 -15.94 4.86 20.83
C ARG A 127 -15.95 4.86 20.82
N TYR A 128 -16.27 3.94 21.74
CA TYR A 128 -15.76 2.57 21.63
C TYR A 128 -16.27 1.90 20.36
N ILE A 129 -17.55 2.07 20.04
CA ILE A 129 -18.10 1.49 18.82
C ILE A 129 -17.45 2.11 17.59
N ALA A 130 -17.24 3.43 17.62
CA ALA A 130 -16.63 4.10 16.48
C ALA A 130 -15.21 3.63 16.24
N ILE A 131 -14.43 3.43 17.31
CA ILE A 131 -13.02 3.12 17.14
C ILE A 131 -12.82 1.63 16.88
N ARG A 132 -13.41 0.76 17.70
CA ARG A 132 -13.14 -0.67 17.62
C ARG A 132 -14.13 -1.45 16.77
N ILE A 133 -15.26 -0.85 16.38
CA ILE A 133 -16.23 -1.51 15.52
C ILE A 133 -16.57 -0.57 14.37
N PRO A 134 -15.63 -0.29 13.46
CA PRO A 134 -15.91 0.71 12.42
C PRO A 134 -17.01 0.31 11.45
N LEU A 135 -17.11 -0.97 11.09
CA LEU A 135 -18.02 -1.37 10.03
C LEU A 135 -19.47 -1.36 10.50
N ARG A 136 -19.72 -1.81 11.73
CA ARG A 136 -21.08 -1.83 12.25
C ARG A 136 -21.50 -0.52 12.89
N TYR A 137 -20.62 0.49 12.91
CA TYR A 137 -20.94 1.75 13.58
C TYR A 137 -22.14 2.42 12.94
N ASN A 138 -22.20 2.45 11.61
CA ASN A 138 -23.33 3.08 10.92
C ASN A 138 -24.63 2.31 11.15
N GLY A 139 -24.54 1.03 11.49
CA GLY A 139 -25.71 0.22 11.75
C GLY A 139 -26.09 0.06 13.21
N LEU A 140 -25.30 0.62 14.13
CA LEU A 140 -25.53 0.46 15.56
C LEU A 140 -26.03 1.71 16.26
N VAL A 141 -25.53 2.88 15.90
CA VAL A 141 -25.85 4.10 16.62
C VAL A 141 -26.59 5.13 15.77
N THR A 142 -26.57 5.02 14.45
CA THR A 142 -27.24 6.01 13.62
C THR A 142 -28.76 5.84 13.70
N GLY A 143 -29.46 6.85 13.18
CA GLY A 143 -30.92 6.81 13.18
C GLY A 143 -31.49 7.15 14.54
N THR A 144 -32.64 6.53 14.83
CA THR A 144 -33.32 6.73 16.11
C THR A 144 -32.75 5.87 17.22
N ARG A 145 -31.79 4.99 16.92
CA ARG A 145 -31.18 4.18 17.97
C ARG A 145 -30.47 5.05 19.01
N ALA A 146 -29.95 6.22 18.61
CA ALA A 146 -29.40 7.15 19.58
C ALA A 146 -30.49 7.65 20.53
N LYS A 147 -31.66 7.99 19.99
CA LYS A 147 -32.78 8.38 20.84
C LYS A 147 -33.21 7.24 21.75
N GLY A 148 -33.18 6.01 21.24
CA GLY A 148 -33.50 4.86 22.08
C GLY A 148 -32.52 4.70 23.23
N ILE A 149 -31.23 4.88 22.95
CA ILE A 149 -30.21 4.76 23.99
C ILE A 149 -30.39 5.87 25.04
N ILE A 150 -30.66 7.10 24.59
CA ILE A 150 -30.87 8.20 25.53
C ILE A 150 -32.11 7.95 26.38
N ALA A 151 -33.17 7.43 25.76
CA ALA A 151 -34.38 7.11 26.50
C ALA A 151 -34.12 6.01 27.52
N ILE A 152 -33.31 5.01 27.15
CA ILE A 152 -32.93 3.96 28.10
C ILE A 152 -32.16 4.55 29.27
N CYS A 153 -31.23 5.48 28.97
CA CYS A 153 -30.47 6.14 30.04
C CYS A 153 -31.41 6.87 31.00
N TRP A 154 -32.36 7.63 30.46
CA TRP A 154 -33.28 8.38 31.32
C TRP A 154 -34.20 7.46 32.09
N VAL A 155 -34.64 6.36 31.48
CA VAL A 155 -35.51 5.40 32.18
C VAL A 155 -34.77 4.76 33.33
N LEU A 156 -33.51 4.36 33.10
CA LEU A 156 -32.71 3.80 34.19
C LEU A 156 -32.46 4.84 35.28
N SER A 157 -32.21 6.08 34.88
CA SER A 157 -32.03 7.15 35.85
C SER A 157 -33.24 7.31 36.75
N PHE A 158 -34.44 7.36 36.15
CA PHE A 158 -35.66 7.52 36.94
C PHE A 158 -35.93 6.29 37.79
N ALA A 159 -35.64 5.09 37.27
CA ALA A 159 -35.89 3.88 38.03
C ALA A 159 -34.99 3.79 39.25
N ILE A 160 -33.70 4.06 39.07
CA ILE A 160 -32.77 3.97 40.20
C ILE A 160 -33.01 5.10 41.19
N GLY A 161 -33.26 6.32 40.69
CA GLY A 161 -33.40 7.46 41.57
C GLY A 161 -34.71 7.48 42.35
N LEU A 162 -35.73 6.77 41.87
CA LEU A 162 -37.04 6.77 42.52
C LEU A 162 -37.34 5.45 43.22
N THR A 163 -36.31 4.69 43.58
CA THR A 163 -36.49 3.48 44.39
C THR A 163 -36.82 3.80 45.85
N PRO A 164 -36.23 4.83 46.47
CA PRO A 164 -36.64 5.16 47.85
C PRO A 164 -38.11 5.49 47.98
N MET A 165 -38.74 6.06 46.94
CA MET A 165 -40.16 6.40 47.00
C MET A 165 -41.05 5.17 47.09
N LEU A 166 -40.53 3.97 46.82
CA LEU A 166 -41.31 2.74 46.89
C LEU A 166 -41.40 2.17 48.31
N GLY A 167 -40.94 2.91 49.31
CA GLY A 167 -40.97 2.46 50.69
C GLY A 167 -39.61 2.24 51.30
N TRP A 168 -38.55 2.21 50.50
CA TRP A 168 -37.19 2.02 51.01
C TRP A 168 -36.65 3.39 51.44
N ASN A 169 -37.12 3.84 52.60
CA ASN A 169 -36.71 5.12 53.15
C ASN A 169 -36.83 5.08 54.67
N ASN A 170 -36.22 6.08 55.31
CA ASN A 170 -36.20 6.11 56.78
C ASN A 170 -37.60 6.30 57.35
N CYS A 171 -38.43 7.12 56.70
CA CYS A 171 -39.75 7.43 57.22
C CYS A 171 -40.74 6.28 57.10
N GLY A 172 -40.36 5.20 56.44
CA GLY A 172 -41.22 4.03 56.34
C GLY A 172 -41.16 3.14 57.57
N SER A 181 -34.90 10.52 64.90
CA SER A 181 -36.01 10.63 63.97
C SER A 181 -37.01 11.69 64.42
N GLN A 182 -36.60 12.52 65.38
CA GLN A 182 -37.45 13.55 65.94
C GLN A 182 -36.72 14.89 65.92
N GLY A 183 -36.13 15.23 64.76
CA GLY A 183 -35.57 16.56 64.60
C GLY A 183 -36.63 17.64 64.71
N CYS A 184 -37.79 17.42 64.11
CA CYS A 184 -38.92 18.32 64.22
C CYS A 184 -40.13 17.65 64.85
N GLY A 185 -40.55 16.49 64.34
CA GLY A 185 -41.60 15.72 64.97
C GLY A 185 -42.86 15.54 64.15
N GLU A 186 -43.50 14.39 64.31
CA GLU A 186 -44.80 14.09 63.70
C GLU A 186 -44.74 14.21 62.17
N GLY A 187 -43.94 13.35 61.57
CA GLY A 187 -43.79 13.33 60.12
C GLY A 187 -42.78 14.32 59.57
N GLN A 188 -42.84 15.56 60.01
CA GLN A 188 -41.87 16.56 59.57
C GLN A 188 -40.49 16.23 60.14
N VAL A 189 -39.45 16.52 59.35
CA VAL A 189 -38.07 16.31 59.74
C VAL A 189 -37.25 17.52 59.30
N ALA A 190 -36.00 17.55 59.77
CA ALA A 190 -35.01 18.48 59.25
C ALA A 190 -34.49 17.94 57.93
N CYS A 191 -34.68 18.69 56.85
CA CYS A 191 -34.47 18.17 55.51
C CYS A 191 -33.00 18.21 55.16
N LEU A 192 -32.31 17.12 55.51
CA LEU A 192 -30.96 16.84 55.06
C LEU A 192 -30.98 15.53 54.29
N PHE A 193 -29.95 15.35 53.44
CA PHE A 193 -29.93 14.18 52.57
C PHE A 193 -29.89 12.88 53.35
N GLU A 194 -29.06 12.81 54.39
CA GLU A 194 -28.91 11.56 55.12
C GLU A 194 -30.09 11.30 56.05
N ASP A 195 -30.86 12.33 56.41
CA ASP A 195 -32.02 12.12 57.28
C ASP A 195 -33.13 11.35 56.57
N VAL A 196 -33.26 11.53 55.25
CA VAL A 196 -34.35 10.93 54.51
C VAL A 196 -33.91 9.75 53.64
N VAL A 197 -32.69 9.76 53.12
CA VAL A 197 -32.21 8.74 52.19
C VAL A 197 -31.44 7.70 53.00
N PRO A 198 -31.84 6.42 52.98
CA PRO A 198 -31.06 5.39 53.67
C PRO A 198 -29.69 5.19 53.06
N MET A 199 -28.72 4.81 53.91
CA MET A 199 -27.34 4.65 53.46
C MET A 199 -27.11 3.34 52.73
N ASN A 200 -27.87 2.29 53.06
CA ASN A 200 -27.69 1.01 52.38
C ASN A 200 -27.99 1.13 50.90
N TYR A 201 -29.04 1.87 50.54
CA TYR A 201 -29.32 2.15 49.14
C TYR A 201 -28.20 2.96 48.51
N MET A 202 -27.66 3.95 49.23
CA MET A 202 -26.61 4.78 48.69
C MET A 202 -25.30 4.03 48.50
N VAL A 203 -25.09 2.93 49.20
CA VAL A 203 -23.83 2.20 49.12
C VAL A 203 -23.95 0.99 48.20
N TYR A 204 -24.85 0.06 48.53
CA TYR A 204 -24.94 -1.17 47.76
C TYR A 204 -25.54 -0.95 46.38
N PHE A 205 -26.41 0.05 46.25
CA PHE A 205 -27.20 0.22 45.03
C PHE A 205 -26.76 1.44 44.22
N ASN A 206 -26.72 2.62 44.82
CA ASN A 206 -26.39 3.82 44.06
C ASN A 206 -24.90 3.86 43.71
N PHE A 207 -24.03 3.54 44.67
CA PHE A 207 -22.59 3.60 44.40
C PHE A 207 -22.18 2.54 43.39
N PHE A 208 -22.73 1.33 43.50
CA PHE A 208 -22.29 0.23 42.65
C PHE A 208 -22.80 0.41 41.22
N LEU A 209 -24.12 0.45 41.04
CA LEU A 209 -24.69 0.44 39.70
C LEU A 209 -24.45 1.74 38.95
N CYS A 210 -24.39 2.87 39.66
CA CYS A 210 -24.42 4.17 39.02
C CYS A 210 -23.06 4.85 38.94
N VAL A 211 -22.24 4.72 39.98
CA VAL A 211 -20.94 5.37 40.00
C VAL A 211 -19.79 4.39 39.76
N LEU A 212 -19.96 3.12 40.13
CA LEU A 212 -18.88 2.14 39.99
C LEU A 212 -18.91 1.44 38.64
N VAL A 213 -20.05 0.90 38.25
CA VAL A 213 -20.14 0.18 36.98
C VAL A 213 -19.84 1.08 35.78
N PRO A 214 -20.43 2.27 35.64
CA PRO A 214 -20.03 3.13 34.52
C PRO A 214 -18.56 3.51 34.56
N LEU A 215 -18.00 3.71 35.75
CA LEU A 215 -16.58 4.02 35.86
C LEU A 215 -15.73 2.86 35.34
N LEU A 216 -16.10 1.63 35.72
CA LEU A 216 -15.36 0.47 35.24
C LEU A 216 -15.48 0.33 33.72
N LEU A 217 -16.68 0.56 33.18
CA LEU A 217 -16.87 0.46 31.73
C LEU A 217 -16.03 1.52 31.00
N MET A 218 -16.03 2.76 31.51
CA MET A 218 -15.23 3.81 30.89
C MET A 218 -13.74 3.49 30.97
N LEU A 219 -13.29 2.96 32.10
CA LEU A 219 -11.89 2.59 32.23
C LEU A 219 -11.52 1.48 31.25
N GLY A 220 -12.40 0.49 31.09
CA GLY A 220 -12.14 -0.57 30.12
C GLY A 220 -12.09 -0.05 28.69
N VAL A 221 -13.00 0.85 28.34
CA VAL A 221 -13.01 1.43 27.00
C VAL A 221 -11.72 2.22 26.76
N TYR A 222 -11.31 3.02 27.76
CA TYR A 222 -10.07 3.77 27.63
C TYR A 222 -8.87 2.85 27.46
N LEU A 223 -8.81 1.78 28.25
CA LEU A 223 -7.70 0.84 28.14
C LEU A 223 -7.67 0.19 26.77
N ALA A 224 -8.83 -0.22 26.26
CA ALA A 224 -8.88 -0.86 24.94
C ALA A 224 -8.40 0.10 23.86
N ILE A 225 -8.88 1.34 23.89
CA ILE A 225 -8.49 2.30 22.85
C ILE A 225 -7.01 2.66 22.97
N PHE A 226 -6.51 2.78 24.20
CA PHE A 226 -5.10 3.07 24.42
C PHE A 226 -4.21 1.95 23.88
N LEU A 227 -4.59 0.70 24.16
CA LEU A 227 -3.82 -0.43 23.65
C LEU A 227 -3.87 -0.50 22.14
N ALA A 228 -5.03 -0.25 21.54
CA ALA A 228 -5.13 -0.24 20.08
C ALA A 228 -4.26 0.84 19.47
N ALA A 229 -4.28 2.05 20.07
CA ALA A 229 -3.48 3.14 19.55
C ALA A 229 -1.99 2.83 19.64
N ARG A 230 -1.54 2.28 20.77
CA ARG A 230 -0.12 1.99 20.90
C ARG A 230 0.31 0.82 20.00
N ARG A 231 -0.58 -0.15 19.79
CA ARG A 231 -0.28 -1.22 18.83
C ARG A 231 -0.13 -0.67 17.42
N GLN A 232 -1.03 0.24 17.02
CA GLN A 232 -0.92 0.86 15.71
C GLN A 232 0.37 1.66 15.58
N ALA A 233 0.72 2.40 16.64
CA ALA A 233 1.96 3.19 16.61
C ALA A 233 3.19 2.29 16.49
N LYS A 234 3.20 1.18 17.24
CA LYS A 234 4.33 0.25 17.16
C LYS A 234 4.41 -0.39 15.78
N GLN A 235 3.26 -0.70 15.17
CA GLN A 235 3.26 -1.23 13.81
C GLN A 235 3.82 -0.22 12.83
N MET A 236 3.44 1.05 12.95
CA MET A 236 3.81 2.05 11.97
C MET A 236 5.23 2.58 12.17
N GLU A 237 5.80 2.47 13.38
CA GLU A 237 7.09 3.10 13.63
C GLU A 237 8.22 2.52 12.79
N SER A 238 8.08 1.29 12.31
CA SER A 238 9.15 0.68 11.50
C SER A 238 9.29 1.36 10.15
N GLN A 239 8.19 1.82 9.56
CA GLN A 239 8.19 2.36 8.21
C GLN A 239 8.13 3.88 8.23
N PRO A 240 9.06 4.55 7.57
CA PRO A 240 8.84 5.97 7.24
C PRO A 240 7.86 6.08 6.07
N LEU A 241 7.20 7.23 6.01
CA LEU A 241 6.23 7.52 4.95
C LEU A 241 5.12 6.47 4.93
N PRO A 242 4.24 6.44 5.92
CA PRO A 242 3.11 5.51 5.88
C PRO A 242 1.95 6.10 5.10
N GLY A 243 0.95 5.25 4.85
CA GLY A 243 -0.20 5.68 4.09
C GLY A 243 -1.11 6.60 4.87
N GLU A 244 -1.93 7.36 4.11
CA GLU A 244 -2.92 8.22 4.74
C GLU A 244 -3.92 7.41 5.56
N ARG A 245 -4.19 6.17 5.15
CA ARG A 245 -5.09 5.31 5.90
C ARG A 245 -4.55 5.04 7.30
N ALA A 246 -3.29 4.60 7.38
CA ALA A 246 -2.68 4.31 8.69
C ALA A 246 -2.55 5.59 9.53
N ARG A 247 -2.18 6.70 8.89
CA ARG A 247 -2.06 7.96 9.63
C ARG A 247 -3.41 8.38 10.21
N SER A 248 -4.48 8.28 9.42
CA SER A 248 -5.82 8.60 9.92
C SER A 248 -6.21 7.67 11.05
N THR A 249 -5.92 6.37 10.91
CA THR A 249 -6.24 5.42 11.96
C THR A 249 -5.56 5.79 13.27
N LEU A 250 -4.25 6.05 13.21
CA LEU A 250 -3.51 6.41 14.42
C LEU A 250 -4.02 7.73 15.00
N GLN A 251 -4.32 8.70 14.15
CA GLN A 251 -4.82 9.99 14.64
C GLN A 251 -6.13 9.82 15.39
N LYS A 252 -7.08 9.11 14.79
CA LYS A 252 -8.37 8.89 15.45
C LYS A 252 -8.19 8.14 16.75
N GLU A 253 -7.37 7.07 16.74
CA GLU A 253 -7.19 6.28 17.96
C GLU A 253 -6.56 7.10 19.08
N VAL A 254 -5.53 7.89 18.77
CA VAL A 254 -4.87 8.68 19.80
C VAL A 254 -5.80 9.75 20.34
N HIS A 255 -6.53 10.44 19.46
CA HIS A 255 -7.44 11.48 19.92
C HIS A 255 -8.53 10.89 20.82
N ALA A 256 -9.12 9.77 20.41
CA ALA A 256 -10.14 9.13 21.22
C ALA A 256 -9.57 8.66 22.55
N ALA A 257 -8.35 8.10 22.55
CA ALA A 257 -7.75 7.61 23.78
C ALA A 257 -7.53 8.75 24.77
N LYS A 258 -6.98 9.88 24.29
CA LYS A 258 -6.74 10.99 25.20
C LYS A 258 -8.04 11.62 25.70
N SER A 259 -9.04 11.73 24.82
CA SER A 259 -10.33 12.27 25.24
C SER A 259 -10.96 11.39 26.31
N LEU A 260 -10.90 10.06 26.13
CA LEU A 260 -11.47 9.17 27.12
C LEU A 260 -10.65 9.17 28.41
N ALA A 261 -9.32 9.35 28.31
CA ALA A 261 -8.52 9.49 29.52
C ALA A 261 -8.98 10.69 30.33
N ILE A 262 -9.17 11.83 29.66
CA ILE A 262 -9.65 13.02 30.34
C ILE A 262 -11.02 12.78 30.96
N ILE A 263 -11.92 12.14 30.20
CA ILE A 263 -13.27 11.90 30.68
C ILE A 263 -13.26 11.04 31.93
N VAL A 264 -12.53 9.92 31.88
CA VAL A 264 -12.48 9.00 33.03
C VAL A 264 -11.85 9.68 34.22
N GLY A 265 -10.75 10.40 34.01
CA GLY A 265 -10.08 11.05 35.13
C GLY A 265 -10.98 12.07 35.82
N LEU A 266 -11.64 12.93 35.04
CA LEU A 266 -12.52 13.92 35.62
C LEU A 266 -13.72 13.28 36.32
N PHE A 267 -14.32 12.26 35.68
CA PHE A 267 -15.47 11.58 36.29
C PHE A 267 -15.10 10.97 37.63
N ALA A 268 -13.96 10.26 37.68
CA ALA A 268 -13.52 9.65 38.92
C ALA A 268 -13.22 10.71 39.97
N LEU A 269 -12.42 11.71 39.61
CA LEU A 269 -12.04 12.75 40.57
C LEU A 269 -13.27 13.44 41.15
N CYS A 270 -14.31 13.62 40.34
CA CYS A 270 -15.48 14.35 40.83
C CYS A 270 -16.41 13.48 41.66
N TRP A 271 -16.60 12.21 41.27
CA TRP A 271 -17.62 11.40 41.91
C TRP A 271 -17.11 10.50 43.03
N LEU A 272 -15.88 9.99 42.93
CA LEU A 272 -15.38 9.06 43.94
C LEU A 272 -15.34 9.62 45.36
N PRO A 273 -14.91 10.86 45.61
CA PRO A 273 -14.80 11.30 47.02
C PRO A 273 -16.09 11.19 47.82
N LEU A 274 -17.21 11.70 47.28
CA LEU A 274 -18.46 11.70 48.04
C LEU A 274 -18.94 10.28 48.32
N HIS A 275 -18.87 9.40 47.32
CA HIS A 275 -19.35 8.03 47.54
C HIS A 275 -18.41 7.23 48.40
N ILE A 276 -17.10 7.54 48.38
CA ILE A 276 -16.19 6.92 49.33
C ILE A 276 -16.52 7.37 50.75
N ILE A 277 -16.85 8.66 50.92
CA ILE A 277 -17.28 9.15 52.22
C ILE A 277 -18.52 8.39 52.68
N ASN A 278 -19.48 8.18 51.76
CA ASN A 278 -20.68 7.42 52.12
C ASN A 278 -20.34 5.98 52.48
N CYS A 279 -19.44 5.35 51.73
CA CYS A 279 -19.06 3.97 52.02
C CYS A 279 -18.44 3.84 53.40
N PHE A 280 -17.55 4.76 53.76
CA PHE A 280 -16.92 4.67 55.08
C PHE A 280 -17.81 5.22 56.19
N THR A 281 -18.87 5.96 55.85
CA THR A 281 -19.89 6.25 56.85
C THR A 281 -20.74 5.01 57.13
N PHE A 282 -21.03 4.23 56.09
CA PHE A 282 -21.83 3.03 56.27
C PHE A 282 -21.04 1.90 56.93
N PHE A 283 -19.73 1.81 56.66
CA PHE A 283 -18.93 0.69 57.12
C PHE A 283 -18.18 0.94 58.42
N CYS A 284 -18.01 2.20 58.83
CA CYS A 284 -17.27 2.51 60.05
C CYS A 284 -18.24 2.90 61.14
N PRO A 285 -18.45 2.04 62.15
CA PRO A 285 -19.44 2.34 63.20
C PRO A 285 -18.91 3.34 64.22
N ASP A 286 -19.72 4.34 64.53
CA ASP A 286 -19.43 5.34 65.57
C ASP A 286 -18.19 6.17 65.24
N CYS A 287 -17.59 5.94 64.07
CA CYS A 287 -16.45 6.73 63.67
C CYS A 287 -16.90 8.15 63.35
N SER A 288 -15.94 9.09 63.48
CA SER A 288 -16.24 10.50 63.31
C SER A 288 -16.87 10.77 61.95
N HIS A 289 -18.14 11.15 61.94
CA HIS A 289 -18.82 11.49 60.70
C HIS A 289 -18.08 12.65 60.03
N ALA A 290 -17.87 12.52 58.71
CA ALA A 290 -17.08 13.44 57.91
C ALA A 290 -17.40 14.89 58.26
N PRO A 291 -16.39 15.70 58.56
CA PRO A 291 -16.64 17.11 58.90
C PRO A 291 -17.34 17.82 57.76
N LEU A 292 -18.18 18.78 58.13
CA LEU A 292 -19.12 19.37 57.16
C LEU A 292 -18.41 20.02 55.98
N TRP A 293 -17.20 20.55 56.20
CA TRP A 293 -16.45 21.11 55.08
C TRP A 293 -16.11 20.04 54.06
N LEU A 294 -15.76 18.84 54.52
CA LEU A 294 -15.48 17.76 53.60
C LEU A 294 -16.72 17.36 52.80
N MET A 295 -17.88 17.34 53.46
CA MET A 295 -19.12 17.04 52.74
C MET A 295 -19.42 18.11 51.70
N TYR A 296 -19.23 19.38 52.05
CA TYR A 296 -19.45 20.46 51.10
C TYR A 296 -18.51 20.34 49.91
N ALA A 297 -17.23 20.03 50.16
CA ALA A 297 -16.27 19.87 49.08
C ALA A 297 -16.65 18.70 48.17
N ALA A 298 -17.08 17.58 48.77
CA ALA A 298 -17.48 16.43 47.97
C ALA A 298 -18.68 16.76 47.10
N ILE A 299 -19.67 17.45 47.67
CA ILE A 299 -20.86 17.81 46.90
C ILE A 299 -20.50 18.76 45.76
N VAL A 300 -19.67 19.77 46.04
CA VAL A 300 -19.34 20.72 44.98
C VAL A 300 -18.48 20.06 43.91
N LEU A 301 -17.65 19.08 44.26
CA LEU A 301 -16.92 18.34 43.23
C LEU A 301 -17.86 17.48 42.38
N SER A 302 -18.80 16.79 43.02
CA SER A 302 -19.77 16.00 42.27
C SER A 302 -20.58 16.86 41.33
N HIS A 303 -20.89 18.10 41.74
CA HIS A 303 -21.59 19.01 40.84
C HIS A 303 -20.67 19.62 39.79
N THR A 304 -19.39 19.80 40.12
CA THR A 304 -18.40 20.26 39.15
C THR A 304 -18.20 19.25 38.04
N ASN A 305 -18.50 17.98 38.30
CA ASN A 305 -18.52 16.99 37.21
C ASN A 305 -19.42 17.46 36.08
N SER A 306 -20.60 17.98 36.41
CA SER A 306 -21.59 18.32 35.39
C SER A 306 -21.17 19.54 34.57
N VAL A 307 -20.36 20.43 35.13
CA VAL A 307 -19.89 21.57 34.34
C VAL A 307 -18.63 21.21 33.56
N VAL A 308 -17.74 20.40 34.14
CA VAL A 308 -16.50 20.06 33.45
C VAL A 308 -16.77 19.12 32.28
N ASN A 309 -17.80 18.26 32.38
CA ASN A 309 -18.14 17.42 31.23
C ASN A 309 -19.44 17.90 30.60
N PRO A 310 -19.52 17.91 29.26
CA PRO A 310 -18.50 17.53 28.28
C PRO A 310 -17.84 18.75 27.62
N PHE A 311 -17.69 19.86 28.35
CA PHE A 311 -17.09 21.05 27.75
C PHE A 311 -15.63 20.82 27.39
N ILE A 312 -14.88 20.13 28.27
CA ILE A 312 -13.48 19.83 27.95
C ILE A 312 -13.39 18.91 26.75
N TYR A 313 -14.28 17.91 26.68
CA TYR A 313 -14.30 17.03 25.51
C TYR A 313 -14.58 17.82 24.24
N ALA A 314 -15.53 18.75 24.29
CA ALA A 314 -15.84 19.57 23.13
C ALA A 314 -14.64 20.42 22.72
N TYR A 315 -13.98 21.06 23.69
CA TYR A 315 -12.84 21.91 23.39
C TYR A 315 -11.69 21.13 22.78
N ARG A 316 -11.64 19.81 22.98
CA ARG A 316 -10.61 18.98 22.36
C ARG A 316 -10.74 18.92 20.85
N ILE A 317 -11.94 19.17 20.31
CA ILE A 317 -12.18 19.10 18.87
C ILE A 317 -12.02 20.50 18.28
N ARG A 318 -11.30 20.58 17.16
CA ARG A 318 -11.00 21.88 16.55
C ARG A 318 -12.28 22.58 16.10
N GLU A 319 -13.23 21.83 15.53
CA GLU A 319 -14.44 22.44 15.02
C GLU A 319 -15.25 23.11 16.13
N PHE A 320 -15.33 22.46 17.30
CA PHE A 320 -16.07 23.02 18.41
C PHE A 320 -15.50 24.36 18.84
N ARG A 321 -14.19 24.44 19.03
CA ARG A 321 -13.59 25.69 19.47
C ARG A 321 -13.62 26.76 18.38
N GLN A 322 -13.50 26.36 17.12
CA GLN A 322 -13.65 27.33 16.04
C GLN A 322 -15.06 27.94 16.04
N THR A 323 -16.08 27.09 16.21
CA THR A 323 -17.45 27.59 16.30
C THR A 323 -17.64 28.47 17.52
N PHE A 324 -17.05 28.09 18.65
CA PHE A 324 -17.15 28.90 19.86
C PHE A 324 -16.57 30.28 19.64
N ARG A 325 -15.37 30.34 19.05
CA ARG A 325 -14.74 31.63 18.80
C ARG A 325 -15.54 32.47 17.81
N LYS A 326 -16.07 31.83 16.76
CA LYS A 326 -16.89 32.58 15.80
C LYS A 326 -18.14 33.14 16.46
N ILE A 327 -18.79 32.36 17.31
CA ILE A 327 -19.98 32.84 18.02
C ILE A 327 -19.63 34.00 18.94
N ILE A 328 -18.52 33.88 19.66
CA ILE A 328 -18.11 34.94 20.58
C ILE A 328 -17.81 36.23 19.81
N ARG A 329 -17.10 36.11 18.68
CA ARG A 329 -16.80 37.28 17.87
C ARG A 329 -18.07 37.91 17.31
N SER A 330 -19.01 37.08 16.84
CA SER A 330 -20.26 37.61 16.30
C SER A 330 -21.07 38.33 17.36
N HIS A 331 -21.08 37.80 18.59
CA HIS A 331 -21.79 38.47 19.67
C HIS A 331 -21.16 39.82 19.99
N VAL A 332 -19.83 39.89 20.00
CA VAL A 332 -19.12 41.14 20.27
C VAL A 332 -18.86 41.89 18.96
N ASP B 1 23.08 -1.09 5.25
CA ASP B 1 21.71 -1.47 4.96
C ASP B 1 21.55 -2.98 5.09
N ILE B 2 20.85 -3.59 4.13
CA ILE B 2 20.60 -5.02 4.12
C ILE B 2 20.73 -5.53 2.70
N VAL B 3 21.16 -6.77 2.56
CA VAL B 3 21.48 -7.37 1.27
C VAL B 3 20.64 -8.63 1.09
N MET B 4 19.99 -8.74 -0.06
CA MET B 4 19.20 -9.91 -0.42
C MET B 4 19.95 -10.73 -1.46
N THR B 5 20.28 -11.97 -1.10
CA THR B 5 20.97 -12.90 -1.99
C THR B 5 20.06 -14.08 -2.26
N GLN B 6 19.75 -14.31 -3.53
CA GLN B 6 18.84 -15.37 -3.94
C GLN B 6 19.63 -16.53 -4.55
N SER B 7 19.12 -17.74 -4.35
CA SER B 7 19.74 -18.95 -4.84
C SER B 7 18.67 -19.92 -5.31
N PRO B 8 18.85 -20.57 -6.46
CA PRO B 8 19.94 -20.41 -7.42
C PRO B 8 19.72 -19.20 -8.34
N ALA B 9 20.78 -18.61 -8.88
CA ALA B 9 20.61 -17.48 -9.79
C ALA B 9 19.91 -17.91 -11.07
N ILE B 10 20.25 -19.09 -11.60
CA ILE B 10 19.66 -19.63 -12.81
C ILE B 10 19.27 -21.08 -12.53
N MET B 11 18.06 -21.46 -12.96
CA MET B 11 17.57 -22.80 -12.70
C MET B 11 16.63 -23.24 -13.81
N SER B 12 16.66 -24.53 -14.12
CA SER B 12 15.73 -25.16 -15.05
C SER B 12 15.02 -26.30 -14.35
N ALA B 13 13.73 -26.49 -14.66
CA ALA B 13 12.93 -27.49 -13.99
C ALA B 13 11.92 -28.08 -14.96
N SER B 14 11.77 -29.40 -14.92
CA SER B 14 10.79 -30.08 -15.75
C SER B 14 9.38 -29.77 -15.24
N PRO B 15 8.38 -29.80 -16.13
CA PRO B 15 6.99 -29.60 -15.69
C PRO B 15 6.59 -30.63 -14.64
N GLY B 16 5.83 -30.18 -13.64
CA GLY B 16 5.39 -31.04 -12.56
C GLY B 16 6.39 -31.21 -11.44
N GLU B 17 7.61 -30.72 -11.59
CA GLU B 17 8.64 -30.87 -10.56
C GLU B 17 8.47 -29.82 -9.48
N LYS B 18 8.65 -30.24 -8.22
CA LYS B 18 8.60 -29.31 -7.10
C LYS B 18 9.83 -28.41 -7.13
N VAL B 19 9.62 -27.10 -7.02
CA VAL B 19 10.69 -26.11 -7.12
C VAL B 19 10.62 -25.22 -5.88
N THR B 20 11.73 -25.14 -5.15
CA THR B 20 11.88 -24.23 -4.03
C THR B 20 13.08 -23.33 -4.27
N ILE B 21 12.88 -22.02 -4.15
CA ILE B 21 13.94 -21.04 -4.31
C ILE B 21 14.01 -20.20 -3.05
N THR B 22 15.23 -19.94 -2.58
CA THR B 22 15.47 -19.29 -1.31
C THR B 22 15.98 -17.87 -1.50
N CYS B 23 15.83 -17.07 -0.45
CA CYS B 23 16.26 -15.67 -0.44
C CYS B 23 16.92 -15.40 0.90
N SER B 24 18.22 -15.15 0.89
CA SER B 24 19.00 -14.97 2.11
C SER B 24 19.13 -13.49 2.44
N ALA B 25 18.88 -13.16 3.70
CA ALA B 25 18.99 -11.79 4.20
C ALA B 25 20.26 -11.63 5.01
N SER B 26 20.97 -10.52 4.80
CA SER B 26 22.19 -10.27 5.56
C SER B 26 21.90 -10.10 7.04
N SER B 27 20.80 -9.43 7.37
CA SER B 27 20.33 -9.28 8.74
C SER B 27 18.88 -9.73 8.82
N SER B 28 18.38 -9.85 10.04
CA SER B 28 17.03 -10.36 10.25
C SER B 28 16.00 -9.42 9.65
N VAL B 29 14.96 -10.01 9.05
CA VAL B 29 13.87 -9.28 8.42
C VAL B 29 12.56 -9.84 8.96
N THR B 30 11.57 -8.96 9.09
CA THR B 30 10.25 -9.35 9.59
C THR B 30 9.35 -9.92 8.50
N TYR B 31 9.34 -9.32 7.31
CA TYR B 31 8.49 -9.79 6.21
C TYR B 31 9.29 -9.84 4.93
N MET B 32 8.89 -10.73 4.02
CA MET B 32 9.51 -10.84 2.71
C MET B 32 8.42 -10.88 1.64
N HIS B 33 8.57 -10.05 0.61
CA HIS B 33 7.66 -10.03 -0.52
C HIS B 33 8.29 -10.76 -1.70
N TRP B 34 7.44 -11.17 -2.65
CA TRP B 34 7.91 -11.88 -3.84
C TRP B 34 7.23 -11.31 -5.07
N PHE B 35 8.03 -11.02 -6.09
CA PHE B 35 7.56 -10.44 -7.35
C PHE B 35 7.99 -11.34 -8.49
N GLN B 36 7.05 -11.63 -9.40
CA GLN B 36 7.34 -12.40 -10.60
C GLN B 36 7.37 -11.47 -11.80
N GLN B 37 8.45 -11.57 -12.58
CA GLN B 37 8.60 -10.76 -13.78
C GLN B 37 8.95 -11.66 -14.96
N LYS B 38 8.24 -11.50 -16.06
CA LYS B 38 8.52 -12.13 -17.33
C LYS B 38 9.21 -11.14 -18.25
N PRO B 39 10.02 -11.61 -19.20
CA PRO B 39 10.73 -10.67 -20.10
C PRO B 39 9.76 -9.80 -20.87
N GLY B 40 10.09 -8.52 -20.96
CA GLY B 40 9.29 -7.55 -21.68
C GLY B 40 8.12 -6.98 -20.89
N THR B 41 7.89 -7.43 -19.66
CA THR B 41 6.76 -7.01 -18.86
C THR B 41 7.23 -6.54 -17.49
N SER B 42 6.39 -5.70 -16.88
CA SER B 42 6.70 -5.17 -15.57
C SER B 42 6.57 -6.24 -14.50
N PRO B 43 7.27 -6.09 -13.38
CA PRO B 43 7.11 -7.03 -12.26
C PRO B 43 5.69 -6.97 -11.70
N LYS B 44 5.24 -8.12 -11.20
CA LYS B 44 3.90 -8.24 -10.62
C LYS B 44 4.01 -8.87 -9.24
N LEU B 45 3.24 -8.35 -8.30
CA LEU B 45 3.23 -8.89 -6.94
C LEU B 45 2.77 -10.34 -6.97
N TRP B 46 3.53 -11.20 -6.31
CA TRP B 46 3.23 -12.63 -6.27
C TRP B 46 2.90 -13.13 -4.87
N ILE B 47 3.78 -12.86 -3.90
CA ILE B 47 3.57 -13.23 -2.51
C ILE B 47 3.89 -12.03 -1.64
N TYR B 48 2.96 -11.68 -0.75
CA TYR B 48 3.14 -10.57 0.18
C TYR B 48 3.02 -11.09 1.61
N SER B 49 3.71 -10.41 2.53
CA SER B 49 3.73 -10.76 3.94
C SER B 49 4.21 -12.20 4.17
N THR B 50 5.11 -12.66 3.29
CA THR B 50 5.91 -13.88 3.46
C THR B 50 5.10 -15.16 3.27
N SER B 51 3.77 -15.08 3.26
CA SER B 51 2.96 -16.27 3.04
C SER B 51 1.74 -16.06 2.18
N ASN B 52 1.30 -14.84 1.92
CA ASN B 52 0.00 -14.60 1.31
C ASN B 52 0.14 -14.47 -0.21
N LEU B 53 -0.63 -15.26 -0.93
CA LEU B 53 -0.64 -15.18 -2.38
C LEU B 53 -1.42 -13.96 -2.84
N ALA B 54 -0.87 -13.26 -3.84
CA ALA B 54 -1.55 -12.12 -4.41
C ALA B 54 -2.76 -12.58 -5.24
N SER B 55 -3.55 -11.60 -5.68
CA SER B 55 -4.72 -11.91 -6.49
C SER B 55 -4.29 -12.51 -7.82
N GLY B 56 -4.95 -13.60 -8.21
CA GLY B 56 -4.64 -14.29 -9.45
C GLY B 56 -3.46 -15.24 -9.38
N VAL B 57 -2.80 -15.35 -8.24
CA VAL B 57 -1.68 -16.28 -8.08
C VAL B 57 -2.24 -17.67 -7.79
N PRO B 58 -1.85 -18.69 -8.54
CA PRO B 58 -2.40 -20.04 -8.29
C PRO B 58 -2.00 -20.58 -6.93
N ALA B 59 -2.83 -21.46 -6.39
CA ALA B 59 -2.60 -22.02 -5.06
C ALA B 59 -1.39 -22.93 -5.01
N ARG B 60 -0.82 -23.31 -6.16
CA ARG B 60 0.38 -24.14 -6.16
C ARG B 60 1.59 -23.41 -5.59
N PHE B 61 1.55 -22.09 -5.51
CA PHE B 61 2.64 -21.31 -4.94
C PHE B 61 2.48 -21.18 -3.44
N SER B 62 3.59 -21.29 -2.71
CA SER B 62 3.61 -21.12 -1.27
C SER B 62 4.79 -20.26 -0.88
N GLY B 63 4.64 -19.53 0.22
CA GLY B 63 5.70 -18.70 0.76
C GLY B 63 5.99 -19.09 2.19
N SER B 64 7.26 -18.97 2.58
CA SER B 64 7.69 -19.33 3.92
C SER B 64 8.97 -18.59 4.25
N GLY B 65 9.33 -18.61 5.53
CA GLY B 65 10.57 -18.02 5.99
C GLY B 65 10.43 -17.12 7.19
N SER B 66 11.55 -16.85 7.86
CA SER B 66 11.59 -15.96 9.01
C SER B 66 13.04 -15.58 9.28
N GLY B 67 13.23 -14.37 9.79
CA GLY B 67 14.55 -13.91 10.17
C GLY B 67 15.51 -13.74 9.02
N THR B 68 16.48 -14.65 8.91
CA THR B 68 17.53 -14.55 7.90
C THR B 68 17.13 -15.19 6.57
N SER B 69 16.52 -16.37 6.60
CA SER B 69 16.25 -17.15 5.40
C SER B 69 14.76 -17.14 5.07
N TYR B 70 14.47 -16.94 3.78
CA TYR B 70 13.10 -16.98 3.26
C TYR B 70 13.10 -17.75 1.95
N SER B 71 11.94 -18.29 1.61
CA SER B 71 11.84 -19.08 0.39
C SER B 71 10.39 -19.13 -0.09
N LEU B 72 10.22 -19.43 -1.37
CA LEU B 72 8.93 -19.77 -1.95
C LEU B 72 9.06 -21.09 -2.70
N THR B 73 7.97 -21.85 -2.73
CA THR B 73 7.98 -23.16 -3.35
C THR B 73 6.78 -23.30 -4.29
N ILE B 74 6.97 -24.13 -5.32
CA ILE B 74 5.92 -24.46 -6.27
C ILE B 74 5.65 -25.96 -6.14
N SER B 75 4.39 -26.32 -5.87
CA SER B 75 4.06 -27.71 -5.64
C SER B 75 4.33 -28.56 -6.88
N ARG B 76 3.93 -28.08 -8.04
CA ARG B 76 4.25 -28.74 -9.30
C ARG B 76 4.53 -27.68 -10.35
N MET B 77 5.67 -27.82 -11.03
CA MET B 77 6.09 -26.83 -12.01
C MET B 77 5.16 -26.82 -13.22
N GLU B 78 4.80 -25.63 -13.66
CA GLU B 78 3.99 -25.43 -14.85
C GLU B 78 4.74 -24.53 -15.83
N ALA B 79 4.42 -24.67 -17.12
CA ALA B 79 5.11 -23.88 -18.14
C ALA B 79 4.85 -22.40 -17.98
N GLU B 80 3.69 -22.02 -17.43
CA GLU B 80 3.40 -20.61 -17.19
C GLU B 80 4.32 -20.00 -16.14
N ASP B 81 4.94 -20.82 -15.30
CA ASP B 81 5.72 -20.33 -14.17
C ASP B 81 7.17 -20.01 -14.52
N ALA B 82 7.56 -20.19 -15.78
CA ALA B 82 8.92 -19.86 -16.21
C ALA B 82 9.07 -18.35 -16.27
N ALA B 83 9.76 -17.78 -15.29
CA ALA B 83 9.95 -16.33 -15.20
C ALA B 83 11.07 -16.07 -14.19
N THR B 84 11.23 -14.80 -13.81
CA THR B 84 12.21 -14.39 -12.82
C THR B 84 11.49 -13.89 -11.57
N TYR B 85 11.98 -14.29 -10.40
CA TYR B 85 11.34 -13.99 -9.13
C TYR B 85 12.30 -13.20 -8.25
N TYR B 86 11.80 -12.10 -7.67
CA TYR B 86 12.58 -11.22 -6.82
C TYR B 86 11.97 -11.14 -5.43
N CYS B 87 12.82 -11.14 -4.41
CA CYS B 87 12.38 -10.98 -3.03
C CYS B 87 12.69 -9.56 -2.55
N GLN B 88 11.70 -8.93 -1.92
CA GLN B 88 11.81 -7.55 -1.47
C GLN B 88 11.71 -7.47 0.06
N GLN B 89 12.45 -6.52 0.63
CA GLN B 89 12.47 -6.29 2.06
C GLN B 89 12.11 -4.83 2.34
N ARG B 90 11.34 -4.59 3.40
CA ARG B 90 11.01 -3.24 3.82
C ARG B 90 11.07 -3.10 5.34
N SER B 91 11.95 -3.86 6.01
CA SER B 91 12.11 -3.72 7.45
C SER B 91 13.03 -2.54 7.79
N THR B 92 14.27 -2.59 7.30
CA THR B 92 15.24 -1.51 7.49
C THR B 92 15.46 -0.82 6.14
N TYR B 93 15.12 0.46 6.08
CA TYR B 93 15.22 1.20 4.83
C TYR B 93 16.70 1.45 4.49
N PRO B 94 17.01 1.65 3.19
CA PRO B 94 16.12 1.67 2.02
C PRO B 94 15.65 0.29 1.59
N LEU B 95 14.55 0.22 0.84
CA LEU B 95 14.07 -1.05 0.31
C LEU B 95 15.11 -1.68 -0.60
N THR B 96 15.34 -2.98 -0.42
CA THR B 96 16.29 -3.72 -1.24
C THR B 96 15.59 -4.92 -1.86
N PHE B 97 15.86 -5.14 -3.15
CA PHE B 97 15.37 -6.30 -3.86
C PHE B 97 16.47 -7.35 -3.92
N GLY B 98 16.11 -8.53 -4.46
CA GLY B 98 17.08 -9.57 -4.72
C GLY B 98 17.57 -9.51 -6.17
N ALA B 99 18.67 -10.22 -6.42
CA ALA B 99 19.21 -10.30 -7.76
C ALA B 99 18.26 -11.01 -8.72
N GLY B 100 17.37 -11.85 -8.20
CA GLY B 100 16.42 -12.57 -9.02
C GLY B 100 16.91 -13.96 -9.38
N THR B 101 15.96 -14.85 -9.68
CA THR B 101 16.25 -16.21 -10.08
C THR B 101 15.53 -16.48 -11.40
N LYS B 102 16.29 -16.61 -12.48
CA LYS B 102 15.72 -16.96 -13.77
C LYS B 102 15.34 -18.44 -13.76
N LEU B 103 14.04 -18.70 -13.88
CA LEU B 103 13.52 -20.07 -13.87
C LEU B 103 13.19 -20.48 -15.30
N GLU B 104 13.80 -21.56 -15.77
CA GLU B 104 13.62 -22.04 -17.12
C GLU B 104 12.91 -23.39 -17.12
N LEU B 105 12.34 -23.74 -18.27
CA LEU B 105 11.58 -24.96 -18.44
C LEU B 105 12.46 -26.02 -19.09
N ARG B 106 12.68 -27.13 -18.38
CA ARG B 106 13.49 -28.20 -18.93
C ARG B 106 12.73 -28.92 -20.06
N ARG B 107 13.44 -29.22 -21.13
CA ARG B 107 12.85 -29.74 -22.35
C ARG B 107 13.60 -30.98 -22.79
N ALA B 108 13.03 -31.70 -23.76
CA ALA B 108 13.73 -32.77 -24.43
C ALA B 108 14.75 -32.20 -25.41
N ASP B 109 15.90 -32.87 -25.51
CA ASP B 109 16.97 -32.37 -26.36
C ASP B 109 16.53 -32.31 -27.82
N ALA B 110 17.01 -31.29 -28.54
CA ALA B 110 16.67 -31.11 -29.94
C ALA B 110 17.91 -30.64 -30.70
N ALA B 111 18.12 -31.20 -31.89
CA ALA B 111 19.25 -30.79 -32.72
C ALA B 111 18.95 -29.46 -33.40
N PRO B 112 19.94 -28.57 -33.48
CA PRO B 112 19.72 -27.30 -34.18
C PRO B 112 19.63 -27.49 -35.67
N THR B 113 18.90 -26.57 -36.31
CA THR B 113 18.83 -26.50 -37.77
C THR B 113 19.69 -25.33 -38.23
N VAL B 114 20.66 -25.61 -39.09
CA VAL B 114 21.67 -24.64 -39.49
C VAL B 114 21.43 -24.23 -40.93
N SER B 115 21.42 -22.93 -41.18
CA SER B 115 21.30 -22.37 -42.51
C SER B 115 22.30 -21.23 -42.67
N ILE B 116 22.91 -21.13 -43.83
CA ILE B 116 23.92 -20.12 -44.10
C ILE B 116 23.42 -19.19 -45.19
N PHE B 117 23.88 -17.94 -45.15
CA PHE B 117 23.41 -16.92 -46.09
C PHE B 117 24.57 -16.08 -46.61
N PRO B 118 24.86 -16.13 -47.90
CA PRO B 118 25.85 -15.22 -48.48
C PRO B 118 25.37 -13.79 -48.44
N PRO B 119 26.28 -12.81 -48.45
CA PRO B 119 25.85 -11.41 -48.42
C PRO B 119 25.02 -11.06 -49.64
N SER B 120 24.02 -10.20 -49.42
CA SER B 120 23.13 -9.81 -50.51
C SER B 120 23.86 -8.86 -51.46
N SER B 121 23.29 -8.71 -52.66
CA SER B 121 23.88 -7.82 -53.65
C SER B 121 23.83 -6.37 -53.20
N GLU B 122 22.82 -6.00 -52.40
CA GLU B 122 22.74 -4.63 -51.91
C GLU B 122 23.92 -4.29 -51.01
N GLN B 123 24.30 -5.22 -50.12
CA GLN B 123 25.44 -4.97 -49.24
C GLN B 123 26.75 -4.92 -50.02
N LEU B 124 26.88 -5.75 -51.06
CA LEU B 124 28.08 -5.72 -51.89
C LEU B 124 28.22 -4.37 -52.59
N THR B 125 27.10 -3.80 -53.04
CA THR B 125 27.15 -2.47 -53.65
C THR B 125 27.62 -1.41 -52.66
N SER B 126 27.39 -1.64 -51.37
CA SER B 126 27.78 -0.71 -50.33
C SER B 126 29.16 -0.99 -49.77
N GLY B 127 29.92 -1.90 -50.39
CA GLY B 127 31.26 -2.21 -49.97
C GLY B 127 31.37 -3.16 -48.81
N GLY B 128 30.25 -3.58 -48.23
CA GLY B 128 30.24 -4.52 -47.12
C GLY B 128 29.89 -5.92 -47.57
N ALA B 129 30.25 -6.89 -46.74
CA ALA B 129 29.98 -8.30 -47.04
C ALA B 129 29.84 -9.04 -45.72
N SER B 130 28.61 -9.43 -45.40
CA SER B 130 28.31 -10.15 -44.16
C SER B 130 27.68 -11.49 -44.49
N VAL B 131 28.25 -12.56 -43.95
CA VAL B 131 27.71 -13.91 -44.10
C VAL B 131 27.03 -14.30 -42.80
N VAL B 132 25.76 -14.71 -42.89
CA VAL B 132 24.92 -14.96 -41.72
C VAL B 132 24.66 -16.45 -41.61
N CYS B 133 24.88 -17.00 -40.41
CA CYS B 133 24.63 -18.40 -40.11
C CYS B 133 23.60 -18.48 -38.99
N PHE B 134 22.48 -19.14 -39.26
CA PHE B 134 21.38 -19.24 -38.31
C PHE B 134 21.34 -20.63 -37.70
N LEU B 135 21.28 -20.68 -36.37
CA LEU B 135 21.17 -21.93 -35.61
C LEU B 135 19.92 -21.82 -34.76
N ASN B 136 18.89 -22.60 -35.08
CA ASN B 136 17.56 -22.40 -34.54
C ASN B 136 17.02 -23.66 -33.88
N ASN B 137 16.22 -23.46 -32.83
CA ASN B 137 15.40 -24.50 -32.23
C ASN B 137 16.23 -25.70 -31.75
N PHE B 138 17.08 -25.42 -30.77
CA PHE B 138 17.89 -26.47 -30.15
C PHE B 138 17.81 -26.37 -28.64
N TYR B 139 18.08 -27.50 -27.98
CA TYR B 139 18.09 -27.61 -26.54
C TYR B 139 19.14 -28.65 -26.18
N PRO B 140 19.96 -28.42 -25.15
CA PRO B 140 19.98 -27.28 -24.23
C PRO B 140 20.71 -26.04 -24.76
N LYS B 141 21.09 -25.13 -23.87
CA LYS B 141 21.66 -23.85 -24.28
C LYS B 141 23.03 -24.01 -24.93
N ASP B 142 23.87 -24.89 -24.37
CA ASP B 142 25.26 -24.96 -24.78
C ASP B 142 25.38 -25.31 -26.26
N ILE B 143 26.16 -24.51 -26.99
CA ILE B 143 26.35 -24.70 -28.42
C ILE B 143 27.60 -23.94 -28.83
N ASN B 144 28.21 -24.34 -29.94
CA ASN B 144 29.41 -23.69 -30.44
C ASN B 144 29.33 -23.52 -31.94
N VAL B 145 29.88 -22.42 -32.44
CA VAL B 145 29.90 -22.09 -33.86
C VAL B 145 31.34 -21.89 -34.29
N LYS B 146 31.71 -22.48 -35.42
CA LYS B 146 33.03 -22.31 -36.00
C LYS B 146 32.90 -21.84 -37.44
N TRP B 147 33.65 -20.80 -37.79
CA TRP B 147 33.69 -20.27 -39.14
C TRP B 147 34.99 -20.67 -39.81
N LYS B 148 34.89 -21.26 -41.00
CA LYS B 148 36.05 -21.64 -41.79
C LYS B 148 35.95 -21.01 -43.17
N ILE B 149 37.05 -20.40 -43.62
CA ILE B 149 37.12 -19.77 -44.93
C ILE B 149 38.23 -20.45 -45.71
N ASP B 150 37.86 -21.10 -46.82
CA ASP B 150 38.80 -21.82 -47.68
C ASP B 150 39.62 -22.84 -46.89
N GLY B 151 38.93 -23.63 -46.08
CA GLY B 151 39.55 -24.73 -45.36
C GLY B 151 40.29 -24.35 -44.10
N SER B 152 40.28 -23.08 -43.71
CA SER B 152 40.95 -22.62 -42.50
C SER B 152 39.98 -21.82 -41.65
N GLU B 153 40.05 -22.00 -40.33
CA GLU B 153 39.13 -21.32 -39.43
C GLU B 153 39.38 -19.81 -39.44
N ARG B 154 38.29 -19.06 -39.29
CA ARG B 154 38.34 -17.60 -39.22
C ARG B 154 37.57 -17.15 -37.99
N GLN B 155 38.27 -16.52 -37.05
CA GLN B 155 37.66 -15.99 -35.84
C GLN B 155 37.57 -14.47 -35.85
N ASN B 156 37.76 -13.85 -37.01
CA ASN B 156 37.81 -12.40 -37.12
C ASN B 156 36.44 -11.84 -37.47
N GLY B 157 35.97 -10.88 -36.66
CA GLY B 157 34.76 -10.13 -36.96
C GLY B 157 33.48 -10.93 -37.02
N VAL B 158 33.25 -11.78 -36.02
CA VAL B 158 32.00 -12.52 -35.92
C VAL B 158 31.11 -11.85 -34.87
N LEU B 159 29.80 -11.91 -35.10
CA LEU B 159 28.82 -11.33 -34.20
C LEU B 159 27.82 -12.41 -33.80
N ASN B 160 27.83 -12.79 -32.52
CA ASN B 160 26.97 -13.84 -32.01
C ASN B 160 25.86 -13.25 -31.17
N SER B 161 24.62 -13.66 -31.44
CA SER B 161 23.45 -13.23 -30.70
C SER B 161 22.62 -14.44 -30.34
N TRP B 162 22.08 -14.44 -29.12
CA TRP B 162 21.29 -15.55 -28.60
C TRP B 162 19.91 -15.07 -28.20
N THR B 163 18.88 -15.79 -28.61
CA THR B 163 17.54 -15.52 -28.13
C THR B 163 17.35 -16.12 -26.74
N ASP B 164 16.32 -15.64 -26.05
CA ASP B 164 15.90 -16.27 -24.81
C ASP B 164 15.07 -17.51 -25.13
N GLN B 165 14.66 -18.23 -24.10
CA GLN B 165 13.90 -19.46 -24.30
C GLN B 165 12.60 -19.17 -25.03
N ASP B 166 12.30 -19.97 -26.05
CA ASP B 166 11.14 -19.71 -26.90
C ASP B 166 9.86 -19.94 -26.12
N SER B 167 8.85 -19.11 -26.42
CA SER B 167 7.59 -19.20 -25.68
C SER B 167 6.87 -20.51 -25.96
N LYS B 168 6.91 -21.00 -27.20
CA LYS B 168 6.21 -22.21 -27.59
C LYS B 168 7.14 -23.43 -27.60
N ASP B 169 8.23 -23.37 -28.38
CA ASP B 169 9.14 -24.50 -28.47
C ASP B 169 9.94 -24.72 -27.20
N SER B 170 10.12 -23.67 -26.38
CA SER B 170 11.02 -23.72 -25.21
C SER B 170 12.41 -24.15 -25.63
N THR B 171 12.84 -23.69 -26.80
CA THR B 171 14.15 -23.97 -27.36
C THR B 171 14.95 -22.67 -27.45
N TYR B 172 16.16 -22.77 -27.97
CA TYR B 172 17.05 -21.63 -28.10
C TYR B 172 17.52 -21.50 -29.54
N SER B 173 17.84 -20.28 -29.95
CA SER B 173 18.32 -19.99 -31.28
C SER B 173 19.52 -19.04 -31.20
N MET B 174 20.44 -19.21 -32.14
CA MET B 174 21.67 -18.43 -32.17
C MET B 174 21.90 -17.90 -33.58
N SER B 175 22.30 -16.63 -33.66
CA SER B 175 22.62 -15.98 -34.93
C SER B 175 24.09 -15.59 -34.92
N SER B 176 24.82 -16.04 -35.93
CA SER B 176 26.25 -15.74 -36.07
C SER B 176 26.48 -15.10 -37.42
N THR B 177 26.88 -13.83 -37.42
CA THR B 177 27.13 -13.07 -38.64
C THR B 177 28.61 -12.72 -38.71
N LEU B 178 29.25 -13.08 -39.82
CA LEU B 178 30.65 -12.77 -40.06
C LEU B 178 30.73 -11.64 -41.08
N THR B 179 31.29 -10.52 -40.67
CA THR B 179 31.33 -9.31 -41.50
C THR B 179 32.73 -9.12 -42.07
N LEU B 180 32.79 -8.81 -43.36
CA LEU B 180 34.05 -8.56 -44.05
C LEU B 180 33.84 -7.46 -45.08
N THR B 181 34.96 -6.91 -45.56
CA THR B 181 34.90 -5.96 -46.66
C THR B 181 34.70 -6.71 -47.97
N LYS B 182 34.28 -5.96 -49.00
CA LYS B 182 33.96 -6.58 -50.28
C LYS B 182 35.20 -7.19 -50.93
N ASP B 183 36.34 -6.51 -50.82
CA ASP B 183 37.56 -7.00 -51.48
C ASP B 183 38.02 -8.33 -50.89
N GLU B 184 38.02 -8.44 -49.56
CA GLU B 184 38.47 -9.69 -48.94
C GLU B 184 37.44 -10.81 -49.10
N TYR B 185 36.15 -10.45 -49.15
CA TYR B 185 35.13 -11.46 -49.43
C TYR B 185 35.28 -12.00 -50.85
N GLU B 186 35.53 -11.12 -51.81
CA GLU B 186 35.78 -11.55 -53.19
C GLU B 186 37.15 -12.19 -53.35
N ARG B 187 38.01 -12.12 -52.33
CA ARG B 187 39.33 -12.73 -52.37
C ARG B 187 39.31 -14.21 -51.98
N HIS B 188 38.16 -14.72 -51.51
CA HIS B 188 38.04 -16.10 -51.08
C HIS B 188 36.80 -16.73 -51.70
N ASN B 189 36.81 -18.06 -51.80
CA ASN B 189 35.74 -18.81 -52.44
C ASN B 189 34.83 -19.53 -51.46
N SER B 190 35.39 -20.33 -50.56
CA SER B 190 34.60 -21.21 -49.70
C SER B 190 34.33 -20.55 -48.36
N TYR B 191 33.07 -20.58 -47.94
CA TYR B 191 32.65 -20.11 -46.63
C TYR B 191 31.74 -21.16 -46.00
N THR B 192 31.93 -21.41 -44.71
CA THR B 192 31.15 -22.42 -44.02
C THR B 192 31.08 -22.10 -42.53
N CYS B 193 30.00 -22.56 -41.90
CA CYS B 193 29.84 -22.49 -40.45
C CYS B 193 29.49 -23.86 -39.92
N GLU B 194 30.10 -24.23 -38.80
CA GLU B 194 29.91 -25.54 -38.18
C GLU B 194 29.28 -25.38 -36.81
N ALA B 195 28.36 -26.28 -36.47
CA ALA B 195 27.61 -26.24 -35.23
C ALA B 195 27.83 -27.54 -34.48
N THR B 196 28.57 -27.48 -33.37
CA THR B 196 28.80 -28.65 -32.52
C THR B 196 27.80 -28.64 -31.39
N HIS B 197 27.12 -29.77 -31.19
CA HIS B 197 26.10 -29.88 -30.16
C HIS B 197 26.10 -31.30 -29.63
N LYS B 198 25.56 -31.47 -28.42
CA LYS B 198 25.49 -32.79 -27.81
C LYS B 198 24.56 -33.73 -28.56
N THR B 199 23.66 -33.18 -29.39
CA THR B 199 22.67 -33.97 -30.09
C THR B 199 23.18 -34.57 -31.40
N SER B 200 24.45 -34.35 -31.75
CA SER B 200 25.01 -34.90 -32.98
C SER B 200 26.44 -35.36 -32.71
N THR B 201 26.77 -36.57 -33.16
CA THR B 201 28.12 -37.09 -33.02
C THR B 201 29.12 -36.33 -33.88
N SER B 202 28.66 -35.64 -34.91
CA SER B 202 29.50 -34.84 -35.79
C SER B 202 28.87 -33.47 -35.96
N PRO B 203 29.69 -32.42 -36.07
CA PRO B 203 29.13 -31.07 -36.19
C PRO B 203 28.28 -30.90 -37.43
N ILE B 204 27.23 -30.09 -37.31
CA ILE B 204 26.38 -29.77 -38.45
C ILE B 204 27.06 -28.69 -39.25
N VAL B 205 27.33 -28.97 -40.52
CA VAL B 205 28.13 -28.10 -41.39
C VAL B 205 27.27 -27.62 -42.54
N LYS B 206 27.21 -26.31 -42.73
CA LYS B 206 26.58 -25.70 -43.89
C LYS B 206 27.60 -24.82 -44.60
N SER B 207 27.75 -25.02 -45.91
CA SER B 207 28.80 -24.37 -46.67
C SER B 207 28.25 -23.91 -48.02
N PHE B 208 28.96 -22.96 -48.62
CA PHE B 208 28.66 -22.51 -49.97
C PHE B 208 29.94 -22.00 -50.62
N ASN B 209 29.93 -21.96 -51.94
CA ASN B 209 31.04 -21.42 -52.73
C ASN B 209 30.56 -20.18 -53.46
N ARG B 210 31.35 -19.11 -53.38
CA ARG B 210 30.98 -17.85 -54.02
C ARG B 210 30.94 -17.97 -55.54
N ASN B 211 31.64 -18.95 -56.11
CA ASN B 211 31.65 -19.11 -57.56
C ASN B 211 30.26 -19.41 -58.10
N GLU B 212 29.41 -20.07 -57.31
CA GLU B 212 28.03 -20.28 -57.72
C GLU B 212 27.19 -19.05 -57.46
N CYS B 213 27.07 -18.65 -56.19
CA CYS B 213 26.31 -17.46 -55.82
C CYS B 213 26.55 -17.10 -54.36
N GLU C 1 -10.87 -1.31 -10.88
CA GLU C 1 -9.69 -1.64 -11.66
C GLU C 1 -8.59 -0.60 -11.48
N VAL C 2 -7.64 -0.88 -10.60
CA VAL C 2 -6.54 0.03 -10.34
C VAL C 2 -5.53 -0.06 -11.49
N GLN C 3 -5.21 1.08 -12.09
CA GLN C 3 -4.29 1.13 -13.21
C GLN C 3 -3.31 2.27 -13.02
N LEU C 4 -2.08 2.06 -13.49
CA LEU C 4 -1.03 3.07 -13.46
C LEU C 4 -0.50 3.24 -14.87
N GLN C 5 -0.80 4.38 -15.49
CA GLN C 5 -0.41 4.65 -16.87
C GLN C 5 0.84 5.53 -16.85
N GLN C 6 1.93 5.01 -17.41
CA GLN C 6 3.21 5.72 -17.41
C GLN C 6 3.41 6.44 -18.74
N SER C 7 4.50 7.18 -18.83
CA SER C 7 4.81 7.99 -20.00
C SER C 7 5.31 7.11 -21.14
N GLY C 8 5.74 7.75 -22.23
CA GLY C 8 6.31 7.05 -23.36
C GLY C 8 7.82 6.97 -23.25
N PRO C 9 8.46 6.35 -24.23
CA PRO C 9 9.93 6.28 -24.23
C PRO C 9 10.54 7.66 -24.38
N GLU C 10 11.73 7.84 -23.80
CA GLU C 10 12.45 9.10 -23.85
C GLU C 10 13.90 8.85 -24.24
N LEU C 11 14.30 9.36 -25.40
CA LEU C 11 15.68 9.37 -25.82
C LEU C 11 16.24 10.78 -25.64
N VAL C 12 17.25 10.92 -24.78
CA VAL C 12 17.84 12.22 -24.47
C VAL C 12 19.35 12.11 -24.49
N LYS C 13 20.00 13.26 -24.61
CA LYS C 13 21.45 13.36 -24.63
C LYS C 13 21.98 13.64 -23.24
N PRO C 14 23.25 13.32 -22.97
CA PRO C 14 23.80 13.51 -21.62
C PRO C 14 23.71 14.97 -21.17
N GLY C 15 23.42 15.15 -19.89
CA GLY C 15 23.21 16.45 -19.31
C GLY C 15 21.77 16.90 -19.27
N ALA C 16 20.89 16.27 -20.04
CA ALA C 16 19.49 16.65 -20.09
C ALA C 16 18.73 16.08 -18.90
N SER C 17 17.44 16.38 -18.83
CA SER C 17 16.56 15.88 -17.77
C SER C 17 15.24 15.44 -18.38
N VAL C 18 14.59 14.49 -17.72
CA VAL C 18 13.30 13.97 -18.15
C VAL C 18 12.36 13.92 -16.94
N LYS C 19 11.07 14.02 -17.22
CA LYS C 19 10.03 13.92 -16.19
C LYS C 19 9.06 12.82 -16.60
N ILE C 20 9.10 11.70 -15.89
CA ILE C 20 8.21 10.57 -16.15
C ILE C 20 6.91 10.78 -15.41
N SER C 21 5.79 10.43 -16.05
CA SER C 21 4.47 10.57 -15.45
C SER C 21 3.92 9.20 -15.09
N CYS C 22 2.92 9.22 -14.20
CA CYS C 22 2.27 7.98 -13.74
C CYS C 22 0.82 8.34 -13.43
N LYS C 23 -0.08 8.02 -14.35
CA LYS C 23 -1.49 8.38 -14.23
C LYS C 23 -2.25 7.28 -13.51
N THR C 24 -2.78 7.59 -12.33
CA THR C 24 -3.48 6.61 -11.50
C THR C 24 -4.97 6.68 -11.75
N SER C 25 -5.64 5.55 -11.51
CA SER C 25 -7.09 5.47 -11.65
C SER C 25 -7.60 4.26 -10.89
N GLY C 26 -8.90 4.27 -10.62
CA GLY C 26 -9.55 3.14 -9.98
C GLY C 26 -9.45 3.09 -8.47
N TYR C 27 -8.74 4.03 -7.85
CA TYR C 27 -8.62 4.04 -6.40
C TYR C 27 -8.40 5.48 -5.94
N THR C 28 -8.73 5.73 -4.67
CA THR C 28 -8.50 7.04 -4.08
C THR C 28 -7.00 7.34 -4.06
N PHE C 29 -6.58 8.29 -4.88
CA PHE C 29 -5.15 8.48 -5.16
C PHE C 29 -4.38 8.87 -3.91
N THR C 30 -4.94 9.75 -3.07
CA THR C 30 -4.22 10.26 -1.92
C THR C 30 -4.10 9.25 -0.78
N GLU C 31 -4.80 8.12 -0.85
CA GLU C 31 -4.83 7.18 0.26
C GLU C 31 -3.59 6.31 0.35
N PHE C 32 -2.85 6.14 -0.74
CA PHE C 32 -1.69 5.26 -0.77
C PHE C 32 -0.51 5.95 -1.41
N THR C 33 0.69 5.72 -0.86
CA THR C 33 1.90 6.35 -1.37
C THR C 33 2.32 5.73 -2.70
N MET C 34 3.04 6.52 -3.49
CA MET C 34 3.55 6.10 -4.79
C MET C 34 5.06 5.94 -4.70
N HIS C 35 5.58 4.85 -5.25
CA HIS C 35 7.00 4.55 -5.22
C HIS C 35 7.51 4.28 -6.62
N TRP C 36 8.80 4.54 -6.83
CA TRP C 36 9.43 4.43 -8.14
C TRP C 36 10.60 3.45 -8.06
N VAL C 37 10.67 2.54 -9.03
CA VAL C 37 11.68 1.50 -9.08
C VAL C 37 12.41 1.58 -10.41
N LYS C 38 13.73 1.49 -10.37
CA LYS C 38 14.58 1.53 -11.57
C LYS C 38 15.16 0.15 -11.81
N GLN C 39 15.04 -0.32 -13.05
CA GLN C 39 15.62 -1.60 -13.48
C GLN C 39 16.62 -1.31 -14.60
N SER C 40 17.90 -1.47 -14.28
CA SER C 40 18.99 -1.17 -15.20
C SER C 40 19.66 -2.46 -15.63
N HIS C 41 19.94 -2.58 -16.94
CA HIS C 41 20.60 -3.71 -17.60
C HIS C 41 19.82 -5.01 -17.48
N GLY C 42 18.62 -4.99 -16.91
CA GLY C 42 17.86 -6.20 -16.67
C GLY C 42 18.25 -6.87 -15.37
N LYS C 43 17.28 -7.39 -14.63
CA LYS C 43 17.52 -8.16 -13.40
C LYS C 43 18.25 -7.36 -12.33
N SER C 44 18.01 -6.05 -12.27
CA SER C 44 18.60 -5.19 -11.24
C SER C 44 17.52 -4.20 -10.80
N LEU C 45 16.75 -4.59 -9.78
CA LEU C 45 15.65 -3.76 -9.28
C LEU C 45 16.16 -2.89 -8.13
N GLU C 46 16.03 -1.58 -8.29
CA GLU C 46 16.50 -0.61 -7.31
C GLU C 46 15.35 0.30 -6.91
N TRP C 47 15.20 0.50 -5.60
CA TRP C 47 14.17 1.40 -5.08
C TRP C 47 14.68 2.83 -5.10
N ILE C 48 13.95 3.71 -5.77
CA ILE C 48 14.36 5.12 -5.90
C ILE C 48 13.83 5.90 -4.70
N GLY C 49 12.52 5.87 -4.50
CA GLY C 49 11.93 6.58 -3.39
C GLY C 49 10.41 6.52 -3.47
N GLY C 50 9.79 7.18 -2.49
CA GLY C 50 8.34 7.22 -2.42
C GLY C 50 7.86 8.61 -2.04
N ILE C 51 6.61 8.88 -2.41
CA ILE C 51 5.99 10.17 -2.13
C ILE C 51 4.57 9.93 -1.63
N ASP C 52 4.18 10.67 -0.59
CA ASP C 52 2.82 10.63 -0.09
C ASP C 52 2.00 11.68 -0.83
N PRO C 53 1.04 11.29 -1.68
CA PRO C 53 0.25 12.30 -2.39
C PRO C 53 -0.62 13.16 -1.49
N HIS C 54 -0.91 12.71 -0.26
CA HIS C 54 -1.81 13.48 0.61
C HIS C 54 -1.15 14.76 1.10
N ASN C 55 0.09 14.67 1.58
CA ASN C 55 0.78 15.82 2.16
C ASN C 55 2.11 16.12 1.52
N GLY C 56 2.52 15.37 0.49
CA GLY C 56 3.76 15.65 -0.20
C GLY C 56 5.01 15.13 0.46
N ASP C 57 4.89 14.38 1.55
CA ASP C 57 6.06 13.82 2.21
C ASP C 57 6.77 12.84 1.29
N THR C 58 8.09 12.84 1.34
CA THR C 58 8.90 11.98 0.48
C THR C 58 10.02 11.34 1.30
N SER C 59 10.39 10.13 0.91
CA SER C 59 11.56 9.44 1.46
C SER C 59 12.31 8.83 0.29
N TYR C 60 13.55 9.26 0.09
CA TYR C 60 14.36 8.84 -1.04
C TYR C 60 15.44 7.86 -0.60
N ASN C 61 15.88 7.03 -1.55
CA ASN C 61 17.09 6.27 -1.37
C ASN C 61 18.29 7.21 -1.52
N GLN C 62 19.23 7.13 -0.57
CA GLN C 62 20.36 8.04 -0.58
C GLN C 62 21.19 7.92 -1.85
N LYS C 63 21.12 6.79 -2.55
CA LYS C 63 21.81 6.65 -3.82
C LYS C 63 21.24 7.60 -4.87
N PHE C 64 19.92 7.77 -4.90
CA PHE C 64 19.25 8.55 -5.92
C PHE C 64 18.83 9.94 -5.46
N LYS C 65 19.28 10.38 -4.28
CA LYS C 65 18.99 11.74 -3.84
C LYS C 65 19.69 12.74 -4.74
N GLY C 66 18.94 13.75 -5.19
CA GLY C 66 19.43 14.71 -6.14
C GLY C 66 19.27 14.30 -7.58
N LYS C 67 19.26 12.99 -7.85
CA LYS C 67 19.04 12.50 -9.20
C LYS C 67 17.55 12.50 -9.55
N ALA C 68 16.71 12.05 -8.63
CA ALA C 68 15.28 11.94 -8.84
C ALA C 68 14.53 12.81 -7.85
N THR C 69 13.53 13.54 -8.34
CA THR C 69 12.66 14.36 -7.51
C THR C 69 11.22 13.96 -7.77
N LEU C 70 10.50 13.60 -6.72
CA LEU C 70 9.13 13.13 -6.83
C LEU C 70 8.16 14.26 -6.55
N THR C 71 7.23 14.49 -7.47
CA THR C 71 6.16 15.45 -7.31
C THR C 71 4.82 14.74 -7.47
N VAL C 72 3.74 15.48 -7.21
CA VAL C 72 2.40 14.91 -7.22
C VAL C 72 1.42 15.98 -7.66
N ASP C 73 0.41 15.55 -8.43
CA ASP C 73 -0.68 16.42 -8.86
C ASP C 73 -1.97 15.83 -8.29
N LYS C 74 -2.40 16.35 -7.14
CA LYS C 74 -3.58 15.80 -6.48
C LYS C 74 -4.83 15.96 -7.33
N SER C 75 -4.97 17.11 -7.98
CA SER C 75 -6.14 17.35 -8.83
C SER C 75 -6.19 16.38 -10.00
N SER C 76 -5.05 16.14 -10.64
CA SER C 76 -4.98 15.26 -11.80
C SER C 76 -4.77 13.80 -11.45
N SER C 77 -4.57 13.48 -10.17
CA SER C 77 -4.35 12.11 -9.72
C SER C 77 -3.19 11.44 -10.45
N THR C 78 -2.09 12.17 -10.61
CA THR C 78 -0.90 11.68 -11.28
C THR C 78 0.33 11.90 -10.41
N ALA C 79 1.34 11.07 -10.64
CA ALA C 79 2.61 11.16 -9.94
C ALA C 79 3.74 11.30 -10.94
N TYR C 80 4.69 12.20 -10.65
CA TYR C 80 5.79 12.49 -11.55
C TYR C 80 7.13 12.23 -10.86
N MET C 81 8.11 11.80 -11.65
CA MET C 81 9.49 11.73 -11.22
C MET C 81 10.35 12.47 -12.23
N ASP C 82 11.23 13.34 -11.75
CA ASP C 82 12.11 14.13 -12.60
C ASP C 82 13.53 13.60 -12.43
N LEU C 83 14.13 13.14 -13.53
CA LEU C 83 15.49 12.60 -13.52
C LEU C 83 16.40 13.66 -14.13
N ARG C 84 17.18 14.32 -13.29
CA ARG C 84 18.00 15.45 -13.69
C ARG C 84 19.46 15.03 -13.85
N SER C 85 20.17 15.73 -14.74
CA SER C 85 21.58 15.49 -15.02
C SER C 85 21.81 14.03 -15.42
N LEU C 86 21.17 13.65 -16.52
CA LEU C 86 21.20 12.28 -16.99
C LEU C 86 22.53 11.93 -17.64
N THR C 87 23.03 10.74 -17.35
CA THR C 87 24.20 10.15 -17.99
C THR C 87 23.82 8.79 -18.55
N SER C 88 24.81 8.09 -19.10
CA SER C 88 24.56 6.76 -19.64
C SER C 88 24.21 5.77 -18.52
N GLU C 89 24.68 6.02 -17.30
CA GLU C 89 24.35 5.13 -16.19
C GLU C 89 22.85 5.16 -15.88
N ASP C 90 22.22 6.32 -16.03
CA ASP C 90 20.81 6.45 -15.73
C ASP C 90 19.90 5.81 -16.76
N SER C 91 20.45 5.35 -17.89
CA SER C 91 19.65 4.70 -18.92
C SER C 91 19.15 3.36 -18.41
N ALA C 92 17.83 3.25 -18.21
CA ALA C 92 17.22 2.06 -17.61
C ALA C 92 15.72 2.13 -17.87
N VAL C 93 14.97 1.23 -17.23
CA VAL C 93 13.52 1.20 -17.29
C VAL C 93 12.99 1.55 -15.90
N TYR C 94 12.08 2.51 -15.84
CA TYR C 94 11.58 3.05 -14.58
C TYR C 94 10.10 2.72 -14.41
N TYR C 95 9.74 2.23 -13.23
CA TYR C 95 8.37 1.83 -12.92
C TYR C 95 7.82 2.69 -11.79
N CYS C 96 6.50 2.86 -11.77
CA CYS C 96 5.79 3.43 -10.65
C CYS C 96 4.85 2.38 -10.06
N THR C 97 4.85 2.28 -8.72
CA THR C 97 4.05 1.30 -8.03
C THR C 97 3.19 1.98 -6.97
N ARG C 98 2.11 1.31 -6.59
CA ARG C 98 1.22 1.77 -5.53
C ARG C 98 1.52 0.97 -4.26
N ASP C 99 1.84 1.67 -3.18
CA ASP C 99 2.17 1.03 -1.91
C ASP C 99 0.89 0.87 -1.10
N TYR C 100 0.25 -0.29 -1.25
CA TYR C 100 -1.02 -0.55 -0.59
C TYR C 100 -0.82 -0.89 0.88
N TYR C 101 -1.78 -0.48 1.70
CA TYR C 101 -1.78 -0.77 3.13
C TYR C 101 -2.86 -1.80 3.43
N ASP C 102 -2.46 -2.94 3.98
CA ASP C 102 -3.33 -4.07 4.22
C ASP C 102 -3.91 -4.06 5.63
N TYR C 103 -3.71 -2.98 6.39
CA TYR C 103 -3.98 -2.85 7.82
C TYR C 103 -3.07 -3.74 8.65
N HIS C 104 -2.16 -4.49 8.03
CA HIS C 104 -1.22 -5.34 8.75
C HIS C 104 0.21 -5.05 8.31
N TYR C 105 0.39 -4.69 7.05
CA TYR C 105 1.73 -4.38 6.52
C TYR C 105 1.57 -3.65 5.20
N TRP C 106 2.68 -3.45 4.50
CA TRP C 106 2.70 -2.72 3.24
C TRP C 106 3.33 -3.58 2.16
N TYR C 107 2.87 -3.39 0.93
CA TYR C 107 3.44 -4.07 -0.22
C TYR C 107 3.07 -3.30 -1.49
N PHE C 108 3.88 -3.49 -2.52
CA PHE C 108 3.63 -2.86 -3.82
C PHE C 108 2.50 -3.63 -4.52
N ASP C 109 1.32 -3.02 -4.58
CA ASP C 109 0.12 -3.70 -5.06
C ASP C 109 0.09 -3.75 -6.59
N VAL C 110 0.14 -2.59 -7.23
CA VAL C 110 0.03 -2.47 -8.67
C VAL C 110 1.28 -1.80 -9.22
N TRP C 111 1.79 -2.31 -10.33
CA TRP C 111 2.98 -1.79 -10.97
C TRP C 111 2.63 -1.15 -12.31
N GLY C 112 3.32 -0.06 -12.64
CA GLY C 112 3.13 0.57 -13.93
C GLY C 112 3.80 -0.21 -15.04
N ALA C 113 3.45 0.15 -16.27
CA ALA C 113 3.98 -0.56 -17.43
C ALA C 113 5.49 -0.37 -17.58
N GLY C 114 6.00 0.77 -17.15
CA GLY C 114 7.42 1.05 -17.26
C GLY C 114 7.74 1.95 -18.43
N THR C 115 8.78 2.76 -18.26
CA THR C 115 9.23 3.70 -19.29
C THR C 115 10.70 3.48 -19.56
N THR C 116 11.07 3.35 -20.83
CA THR C 116 12.46 3.17 -21.23
C THR C 116 13.10 4.52 -21.47
N VAL C 117 14.12 4.84 -20.68
CA VAL C 117 14.88 6.07 -20.82
C VAL C 117 16.29 5.69 -21.27
N THR C 118 16.68 6.16 -22.45
CA THR C 118 18.01 5.91 -23.00
C THR C 118 18.74 7.23 -23.16
N VAL C 119 19.93 7.32 -22.58
CA VAL C 119 20.72 8.55 -22.60
C VAL C 119 22.02 8.26 -23.35
N SER C 120 22.25 8.99 -24.43
CA SER C 120 23.48 8.90 -25.22
C SER C 120 23.51 10.05 -26.20
N SER C 121 24.72 10.53 -26.50
CA SER C 121 24.92 11.58 -27.49
C SER C 121 25.25 11.01 -28.86
N ALA C 122 25.13 9.69 -29.04
CA ALA C 122 25.44 9.07 -30.32
C ALA C 122 24.46 9.54 -31.39
N LYS C 123 24.97 9.71 -32.61
CA LYS C 123 24.18 10.24 -33.70
C LYS C 123 23.10 9.24 -34.13
N THR C 124 21.87 9.72 -34.27
CA THR C 124 20.77 8.88 -34.74
C THR C 124 20.90 8.67 -36.24
N THR C 125 20.96 7.41 -36.66
CA THR C 125 21.15 7.05 -38.06
C THR C 125 20.11 6.01 -38.48
N ALA C 126 19.69 6.11 -39.74
CA ALA C 126 18.70 5.19 -40.27
C ALA C 126 19.33 3.82 -40.54
N PRO C 127 18.53 2.75 -40.46
CA PRO C 127 19.08 1.41 -40.67
C PRO C 127 19.39 1.13 -42.14
N SER C 128 20.30 0.18 -42.35
CA SER C 128 20.56 -0.40 -43.66
C SER C 128 20.07 -1.84 -43.63
N VAL C 129 19.13 -2.16 -44.52
CA VAL C 129 18.45 -3.45 -44.51
C VAL C 129 18.86 -4.23 -45.75
N TYR C 130 19.30 -5.47 -45.54
CA TYR C 130 19.73 -6.34 -46.63
C TYR C 130 18.96 -7.65 -46.53
N PRO C 131 18.17 -8.02 -47.55
CA PRO C 131 17.45 -9.30 -47.49
C PRO C 131 18.39 -10.46 -47.71
N LEU C 132 18.16 -11.55 -46.98
CA LEU C 132 19.00 -12.74 -47.02
C LEU C 132 18.20 -13.89 -47.64
N ALA C 133 18.38 -14.09 -48.94
CA ALA C 133 17.78 -15.22 -49.62
C ALA C 133 18.60 -16.48 -49.34
N PRO C 134 17.97 -17.66 -49.38
CA PRO C 134 18.72 -18.89 -49.14
C PRO C 134 19.75 -19.16 -50.23
N VAL C 135 20.77 -19.93 -49.87
CA VAL C 135 21.83 -20.33 -50.81
C VAL C 135 21.18 -20.99 -52.02
N CYS C 136 21.81 -20.82 -53.19
CA CYS C 136 21.20 -21.30 -54.43
C CYS C 136 20.88 -22.80 -54.34
N GLY C 137 21.92 -23.64 -54.25
CA GLY C 137 21.79 -25.02 -53.82
C GLY C 137 20.57 -25.77 -54.32
N ASP C 138 19.78 -26.29 -53.39
CA ASP C 138 18.46 -26.82 -53.69
C ASP C 138 17.67 -26.86 -52.40
N THR C 139 16.34 -26.98 -52.53
CA THR C 139 15.48 -27.01 -51.35
C THR C 139 15.78 -28.27 -50.54
N THR C 140 16.14 -28.09 -49.27
CA THR C 140 16.58 -29.21 -48.43
C THR C 140 15.37 -29.80 -47.70
N GLY C 141 14.49 -30.40 -48.50
CA GLY C 141 13.40 -31.18 -47.96
C GLY C 141 12.29 -30.41 -47.26
N SER C 142 12.25 -30.52 -45.93
CA SER C 142 11.06 -30.14 -45.17
C SER C 142 10.74 -28.66 -45.31
N SER C 143 11.72 -27.79 -45.06
CA SER C 143 11.42 -26.36 -44.98
C SER C 143 12.61 -25.55 -45.45
N VAL C 144 12.34 -24.28 -45.73
CA VAL C 144 13.36 -23.32 -46.15
C VAL C 144 13.36 -22.16 -45.16
N THR C 145 14.56 -21.70 -44.80
CA THR C 145 14.73 -20.61 -43.85
C THR C 145 15.21 -19.37 -44.60
N LEU C 146 14.56 -18.25 -44.35
CA LEU C 146 14.91 -16.96 -44.94
C LEU C 146 15.38 -16.01 -43.84
N GLY C 147 16.24 -15.07 -44.21
CA GLY C 147 16.82 -14.16 -43.25
C GLY C 147 16.65 -12.71 -43.69
N CYS C 148 16.89 -11.81 -42.74
CA CYS C 148 16.83 -10.38 -42.98
C CYS C 148 17.79 -9.69 -42.04
N LEU C 149 18.70 -8.89 -42.59
CA LEU C 149 19.77 -8.27 -41.83
C LEU C 149 19.54 -6.77 -41.70
N VAL C 150 19.67 -6.25 -40.48
CA VAL C 150 19.54 -4.83 -40.20
C VAL C 150 20.90 -4.36 -39.68
N LYS C 151 21.57 -3.53 -40.48
CA LYS C 151 22.95 -3.13 -40.22
C LYS C 151 23.03 -1.64 -39.92
N GLY C 152 23.79 -1.30 -38.90
CA GLY C 152 24.17 0.08 -38.63
C GLY C 152 23.04 1.06 -38.39
N TYR C 153 22.33 0.91 -37.27
CA TYR C 153 21.28 1.84 -36.90
C TYR C 153 21.45 2.24 -35.44
N PHE C 154 20.78 3.34 -35.07
CA PHE C 154 20.82 3.82 -33.70
C PHE C 154 19.65 4.78 -33.49
N PRO C 155 18.95 4.72 -32.35
CA PRO C 155 19.13 3.77 -31.25
C PRO C 155 18.09 2.65 -31.22
N GLU C 156 18.25 1.72 -30.28
CA GLU C 156 17.22 0.72 -30.02
C GLU C 156 15.97 1.42 -29.48
N PRO C 157 14.77 0.87 -29.76
CA PRO C 157 14.44 -0.36 -30.47
C PRO C 157 14.08 -0.18 -31.95
N VAL C 158 14.04 -1.31 -32.67
CA VAL C 158 13.58 -1.35 -34.05
C VAL C 158 12.65 -2.53 -34.20
N THR C 159 11.46 -2.29 -34.76
CA THR C 159 10.45 -3.33 -34.90
C THR C 159 10.58 -4.01 -36.24
N LEU C 160 10.68 -5.33 -36.22
CA LEU C 160 10.84 -6.14 -37.41
C LEU C 160 9.69 -7.13 -37.50
N THR C 161 8.98 -7.12 -38.62
CA THR C 161 7.87 -8.02 -38.88
C THR C 161 7.98 -8.61 -40.27
N TRP C 162 7.37 -9.77 -40.46
CA TRP C 162 7.35 -10.45 -41.75
C TRP C 162 5.95 -10.36 -42.34
N ASN C 163 5.85 -9.82 -43.56
CA ASN C 163 4.57 -9.57 -44.22
C ASN C 163 3.65 -8.73 -43.34
N SER C 164 4.23 -7.73 -42.67
CA SER C 164 3.50 -6.83 -41.78
C SER C 164 2.71 -7.60 -40.72
N GLY C 165 3.37 -8.58 -40.11
CA GLY C 165 2.77 -9.35 -39.05
C GLY C 165 2.00 -10.58 -39.48
N SER C 166 1.84 -10.82 -40.77
CA SER C 166 1.12 -11.99 -41.24
C SER C 166 1.86 -13.28 -40.87
N LEU C 167 3.18 -13.22 -40.75
CA LEU C 167 4.00 -14.35 -40.35
C LEU C 167 4.48 -14.11 -38.92
N SER C 168 3.90 -14.84 -37.96
CA SER C 168 4.26 -14.71 -36.56
C SER C 168 5.09 -15.89 -36.07
N SER C 169 4.59 -17.10 -36.23
CA SER C 169 5.30 -18.29 -35.78
C SER C 169 6.44 -18.63 -36.73
N GLY C 170 7.44 -19.33 -36.20
CA GLY C 170 8.61 -19.69 -36.97
C GLY C 170 9.59 -18.57 -37.19
N VAL C 171 9.46 -17.47 -36.48
CA VAL C 171 10.32 -16.29 -36.64
C VAL C 171 11.22 -16.17 -35.42
N HIS C 172 12.51 -15.91 -35.67
CA HIS C 172 13.49 -15.71 -34.60
C HIS C 172 14.19 -14.38 -34.83
N THR C 173 13.72 -13.34 -34.15
CA THR C 173 14.37 -12.05 -34.17
C THR C 173 15.35 -11.98 -33.00
N PHE C 174 16.60 -11.64 -33.29
CA PHE C 174 17.65 -11.72 -32.30
C PHE C 174 17.94 -10.36 -31.68
N PRO C 175 18.40 -10.33 -30.43
CA PRO C 175 18.77 -9.04 -29.82
C PRO C 175 19.93 -8.39 -30.55
N ALA C 176 19.90 -7.06 -30.57
CA ALA C 176 20.90 -6.29 -31.31
C ALA C 176 22.20 -6.18 -30.53
N VAL C 177 23.27 -5.90 -31.27
CA VAL C 177 24.62 -5.77 -30.71
C VAL C 177 25.21 -4.46 -31.19
N LEU C 178 25.90 -3.75 -30.29
CA LEU C 178 26.53 -2.48 -30.64
C LEU C 178 27.96 -2.71 -31.12
N GLN C 179 28.34 -1.96 -32.16
CA GLN C 179 29.71 -1.89 -32.66
C GLN C 179 30.02 -0.42 -32.92
N SER C 180 30.52 0.28 -31.90
CA SER C 180 30.88 1.69 -31.98
C SER C 180 29.67 2.54 -32.39
N ASP C 181 28.68 2.53 -31.48
CA ASP C 181 27.48 3.37 -31.59
C ASP C 181 26.59 2.99 -32.77
N LEU C 182 26.57 1.71 -33.14
CA LEU C 182 25.70 1.23 -34.21
C LEU C 182 25.19 -0.16 -33.85
N TYR C 183 23.86 -0.30 -33.84
CA TYR C 183 23.23 -1.59 -33.57
C TYR C 183 23.17 -2.44 -34.83
N THR C 184 23.16 -3.76 -34.64
CA THR C 184 22.99 -4.71 -35.74
C THR C 184 22.04 -5.81 -35.29
N LEU C 185 20.99 -6.05 -36.07
CA LEU C 185 19.98 -7.03 -35.75
C LEU C 185 19.70 -7.90 -36.96
N SER C 186 19.42 -9.18 -36.70
CA SER C 186 19.09 -10.13 -37.75
C SER C 186 17.88 -10.95 -37.33
N SER C 187 17.10 -11.38 -38.31
CA SER C 187 15.90 -12.18 -38.08
C SER C 187 15.87 -13.34 -39.05
N SER C 188 15.31 -14.46 -38.60
CA SER C 188 15.16 -15.66 -39.42
C SER C 188 13.70 -16.09 -39.39
N VAL C 189 13.16 -16.41 -40.57
CA VAL C 189 11.82 -16.95 -40.70
C VAL C 189 11.94 -18.26 -41.48
N THR C 190 11.29 -19.30 -41.00
CA THR C 190 11.27 -20.60 -41.67
C THR C 190 9.85 -20.94 -42.06
N VAL C 191 9.67 -21.37 -43.30
CA VAL C 191 8.36 -21.68 -43.87
C VAL C 191 8.48 -22.96 -44.67
N THR C 192 7.32 -23.52 -45.05
CA THR C 192 7.29 -24.74 -45.84
C THR C 192 7.95 -24.51 -47.20
N SER C 193 8.59 -25.57 -47.71
CA SER C 193 9.31 -25.47 -48.97
C SER C 193 8.38 -25.18 -50.13
N SER C 194 7.11 -25.56 -50.02
CA SER C 194 6.15 -25.26 -51.07
C SER C 194 5.70 -23.80 -51.06
N THR C 195 5.91 -23.09 -49.96
CA THR C 195 5.47 -21.70 -49.88
C THR C 195 6.39 -20.78 -50.68
N TRP C 196 7.69 -20.89 -50.45
CA TRP C 196 8.68 -20.05 -51.11
C TRP C 196 9.43 -20.86 -52.16
N PRO C 197 9.75 -20.28 -53.32
CA PRO C 197 9.49 -18.90 -53.75
C PRO C 197 8.12 -18.74 -54.41
N SER C 198 7.23 -19.72 -54.25
CA SER C 198 5.92 -19.64 -54.89
C SER C 198 5.13 -18.43 -54.41
N GLN C 199 5.17 -18.15 -53.12
CA GLN C 199 4.50 -16.99 -52.55
C GLN C 199 5.50 -15.89 -52.25
N SER C 200 4.99 -14.72 -51.87
CA SER C 200 5.79 -13.55 -51.61
C SER C 200 6.06 -13.42 -50.12
N ILE C 201 7.33 -13.34 -49.75
CA ILE C 201 7.75 -13.13 -48.36
C ILE C 201 8.62 -11.88 -48.33
N THR C 202 8.21 -10.89 -47.55
CA THR C 202 8.90 -9.62 -47.46
C THR C 202 9.29 -9.33 -46.02
N CYS C 203 10.29 -8.45 -45.87
CA CYS C 203 10.83 -8.08 -44.57
C CYS C 203 10.45 -6.65 -44.26
N ASN C 204 9.74 -6.43 -43.15
CA ASN C 204 9.24 -5.13 -42.76
C ASN C 204 10.02 -4.63 -41.55
N VAL C 205 10.87 -3.63 -41.76
CA VAL C 205 11.70 -3.04 -40.71
C VAL C 205 11.28 -1.61 -40.49
N ALA C 206 11.05 -1.23 -39.23
CA ALA C 206 10.61 0.11 -38.87
C ALA C 206 11.53 0.68 -37.80
N HIS C 207 12.00 1.91 -38.01
CA HIS C 207 12.85 2.61 -37.04
C HIS C 207 12.17 3.90 -36.63
N PRO C 208 11.44 3.93 -35.51
CA PRO C 208 10.72 5.14 -35.12
C PRO C 208 11.63 6.34 -34.88
N ALA C 209 12.88 6.12 -34.46
CA ALA C 209 13.77 7.23 -34.16
C ALA C 209 14.07 8.04 -35.40
N SER C 210 14.50 7.38 -36.48
CA SER C 210 14.74 8.06 -37.75
C SER C 210 13.49 8.21 -38.58
N SER C 211 12.37 7.63 -38.14
CA SER C 211 11.09 7.70 -38.84
C SER C 211 11.21 7.20 -40.28
N THR C 212 11.70 5.97 -40.42
CA THR C 212 11.92 5.34 -41.71
C THR C 212 11.19 4.00 -41.77
N LYS C 213 10.44 3.78 -42.84
CA LYS C 213 9.77 2.52 -43.11
C LYS C 213 10.31 1.96 -44.42
N VAL C 214 10.89 0.76 -44.36
CA VAL C 214 11.48 0.12 -45.54
C VAL C 214 11.05 -1.34 -45.57
N ASP C 215 10.63 -1.81 -46.75
CA ASP C 215 10.26 -3.19 -46.97
C ASP C 215 11.18 -3.80 -48.02
N LYS C 216 11.77 -4.95 -47.71
CA LYS C 216 12.68 -5.63 -48.62
C LYS C 216 12.08 -6.98 -48.99
N LYS C 217 11.66 -7.11 -50.24
CA LYS C 217 11.14 -8.38 -50.74
C LYS C 217 12.29 -9.35 -50.95
N ILE C 218 12.13 -10.58 -50.48
CA ILE C 218 13.16 -11.61 -50.63
C ILE C 218 12.85 -12.42 -51.88
N GLU C 219 13.80 -12.45 -52.81
CA GLU C 219 13.66 -13.09 -54.10
C GLU C 219 14.85 -13.99 -54.37
N PRO C 220 14.71 -14.97 -55.26
CA PRO C 220 15.85 -15.86 -55.57
C PRO C 220 17.05 -15.08 -56.08
N ARG C 221 18.23 -15.55 -55.71
CA ARG C 221 19.46 -14.86 -56.04
C ARG C 221 19.78 -15.01 -57.53
N GLY C 222 20.23 -13.93 -58.14
CA GLY C 222 20.71 -13.95 -59.50
C GLY C 222 22.20 -14.14 -59.57
N PRO C 223 22.77 -14.03 -60.77
CA PRO C 223 24.23 -14.15 -60.91
C PRO C 223 24.96 -13.06 -60.14
N THR C 224 26.13 -13.42 -59.62
CA THR C 224 26.95 -12.48 -58.86
C THR C 224 28.16 -12.04 -59.66
C15 WCH D . -24.58 14.34 44.61
C17 WCH D . -25.34 12.08 43.85
C22 WCH D . -25.19 17.82 54.03
C24 WCH D . -25.00 19.21 56.13
C26 WCH D . -25.78 20.27 54.01
C28 WCH D . -25.31 9.94 42.38
C02 WCH D . -25.47 13.73 49.03
C03 WCH D . -25.03 12.48 49.60
C05 WCH D . -25.47 12.05 47.41
C07 WCH D . -25.21 14.84 51.13
C09 WCH D . -24.65 12.45 51.08
C12 WCH D . -26.26 14.38 46.47
C14 WCH D . -25.83 13.51 44.29
C16 WCH D . -25.16 15.27 45.73
C23 WCH D . -24.86 17.93 55.46
C25 WCH D . -25.45 20.38 55.41
C27 WCH D . -25.65 18.99 53.32
C29 WCH D . -25.21 9.70 40.85
N01 WCH D . -25.76 13.46 47.61
N04 WCH D . -25.05 11.47 48.55
N06 WCH D . -25.56 14.92 49.82
N08 WCH D . -24.75 13.66 51.80
N10 WCH D . -24.20 11.26 51.72
N11 WCH D . -25.33 16.27 52.02
N20 WCH D . -25.82 11.32 42.75
N21 WCH D . -25.06 16.40 53.24
O13 WCH D . -26.73 13.60 45.37
O18 WCH D . -24.14 15.00 43.47
O19 WCH D . -25.77 16.35 45.11
O30 WCH D . -24.46 11.60 44.56
#